data_3T2V
#
_entry.id   3T2V
#
_cell.length_a   89.360
_cell.length_b   101.520
_cell.length_c   163.400
_cell.angle_alpha   90.00
_cell.angle_beta   90.00
_cell.angle_gamma   90.00
#
_symmetry.space_group_name_H-M   'I 2 2 2'
#
loop_
_entity.id
_entity.type
_entity.pdbx_description
1 polymer 'Peptidoglycan recognition protein 1'
2 non-polymer 'L(+)-TARTARIC ACID'
3 non-polymer GLYCEROL
4 non-polymer '(2S,3R)-2-hexyl-3-hydroxynonanoic acid'
5 water water
#
_entity_poly.entity_id   1
_entity_poly.type   'polypeptide(L)'
_entity_poly.pdbx_seq_one_letter_code
;EDPPACGSIVPRREWRALASECRERLTRPVRYVVVSHTAGSHCDTPASCAQQAQNVQSYHVRNLGWCDVGYNFLIGEDGL
VYEGRGWNIKGAHAGPTWNPISIGISFMGNYMNRVPPPRALRAAQNLLACGVALGALRSNYEVKGHRDVQPTLSPGDRLY
EIIQTWSHYRA
;
_entity_poly.pdbx_strand_id   A,B,C,D
#
# COMPACT_ATOMS: atom_id res chain seq x y z
N GLU A 1 6.97 9.62 -17.18
CA GLU A 1 5.84 10.55 -16.89
C GLU A 1 6.10 11.52 -15.72
N ASP A 2 6.54 11.00 -14.57
CA ASP A 2 6.77 11.77 -13.36
C ASP A 2 8.26 11.83 -13.00
N PRO A 3 8.72 12.97 -12.43
CA PRO A 3 10.12 13.24 -12.03
C PRO A 3 10.94 12.20 -11.26
N PRO A 4 10.46 11.74 -10.08
CA PRO A 4 11.20 10.79 -9.28
C PRO A 4 11.81 9.48 -9.75
N ALA A 5 12.67 9.54 -10.79
CA ALA A 5 13.37 8.35 -11.30
C ALA A 5 13.85 7.76 -9.97
N CYS A 6 13.42 6.53 -9.72
CA CYS A 6 13.61 5.95 -8.41
C CYS A 6 14.49 4.79 -8.04
N GLY A 7 15.01 4.88 -6.82
CA GLY A 7 15.88 3.88 -6.25
C GLY A 7 17.09 3.56 -7.09
N SER A 8 17.93 2.66 -6.57
CA SER A 8 19.12 2.28 -7.31
C SER A 8 18.82 0.93 -7.93
N ILE A 9 19.27 0.76 -9.17
CA ILE A 9 19.12 -0.50 -9.89
C ILE A 9 20.41 -0.73 -10.68
N VAL A 10 20.99 -1.91 -10.53
CA VAL A 10 22.20 -2.23 -11.26
C VAL A 10 21.74 -2.45 -12.71
N PRO A 11 22.31 -1.70 -13.67
CA PRO A 11 21.95 -1.80 -15.09
C PRO A 11 22.50 -3.04 -15.81
N ARG A 12 21.86 -3.36 -16.92
CA ARG A 12 22.21 -4.49 -17.79
C ARG A 12 23.68 -4.62 -18.16
N ARG A 13 24.27 -3.54 -18.66
CA ARG A 13 25.67 -3.55 -19.09
C ARG A 13 26.64 -3.78 -17.94
N GLU A 14 26.24 -3.37 -16.74
CA GLU A 14 27.08 -3.50 -15.54
C GLU A 14 27.11 -4.95 -15.12
N TRP A 15 25.97 -5.63 -15.24
CA TRP A 15 26.02 -7.02 -14.88
C TRP A 15 26.42 -7.85 -16.12
N ARG A 16 26.62 -7.11 -17.22
CA ARG A 16 27.11 -7.63 -18.50
C ARG A 16 26.19 -8.59 -19.18
N ALA A 17 24.94 -8.16 -19.21
CA ALA A 17 23.88 -8.91 -19.82
C ALA A 17 23.92 -8.90 -21.33
N LEU A 18 23.69 -10.08 -21.89
CA LEU A 18 23.59 -10.21 -23.31
C LEU A 18 22.44 -9.28 -23.64
N ALA A 19 22.53 -8.69 -24.81
CA ALA A 19 21.50 -7.83 -25.35
C ALA A 19 20.20 -8.64 -25.36
N SER A 20 19.11 -8.01 -24.95
CA SER A 20 17.79 -8.63 -24.94
C SER A 20 17.21 -8.59 -26.34
N GLU A 21 16.42 -9.61 -26.64
CA GLU A 21 15.72 -9.74 -27.91
C GLU A 21 14.20 -9.70 -27.64
N CYS A 22 13.75 -9.19 -26.48
CA CYS A 22 12.28 -9.16 -26.19
C CYS A 22 11.52 -7.92 -26.64
N ARG A 23 10.31 -8.08 -27.19
CA ARG A 23 9.53 -6.93 -27.66
C ARG A 23 8.10 -6.74 -27.14
N GLU A 24 7.49 -7.78 -26.56
CA GLU A 24 6.14 -7.62 -26.03
C GLU A 24 6.13 -6.72 -24.76
N ARG A 25 5.15 -5.85 -24.73
CA ARG A 25 5.04 -4.89 -23.65
C ARG A 25 3.92 -5.20 -22.67
N LEU A 26 4.12 -4.74 -21.44
CA LEU A 26 3.12 -4.89 -20.38
C LEU A 26 2.34 -3.57 -20.49
N THR A 27 1.11 -3.54 -19.99
CA THR A 27 0.35 -2.29 -20.02
C THR A 27 0.50 -1.63 -18.64
N ARG A 28 1.08 -0.43 -18.61
CA ARG A 28 1.23 0.37 -17.37
C ARG A 28 -0.23 0.79 -17.05
N PRO A 29 -0.62 0.78 -15.74
CA PRO A 29 0.17 0.27 -14.61
C PRO A 29 -0.21 -1.19 -14.40
N VAL A 30 0.73 -1.98 -13.90
CA VAL A 30 0.56 -3.41 -13.66
C VAL A 30 0.04 -3.71 -12.26
N ARG A 31 -0.98 -4.56 -12.20
CA ARG A 31 -1.61 -4.92 -10.93
C ARG A 31 -0.87 -5.93 -10.08
N TYR A 32 -0.17 -6.84 -10.72
CA TYR A 32 0.46 -7.91 -9.98
C TYR A 32 1.96 -8.04 -9.91
N VAL A 33 2.45 -8.46 -8.75
CA VAL A 33 3.88 -8.71 -8.62
C VAL A 33 4.04 -10.17 -8.15
N VAL A 34 4.76 -10.99 -8.91
CA VAL A 34 4.95 -12.38 -8.49
C VAL A 34 6.38 -12.57 -8.07
N VAL A 35 6.55 -12.98 -6.83
CA VAL A 35 7.86 -13.19 -6.22
C VAL A 35 8.28 -14.65 -6.30
N SER A 36 9.51 -14.88 -6.74
CA SER A 36 10.05 -16.22 -6.92
C SER A 36 11.48 -16.25 -6.45
N HIS A 37 12.03 -17.47 -6.41
CA HIS A 37 13.46 -17.58 -6.21
C HIS A 37 13.99 -18.33 -7.44
N THR A 38 15.29 -18.25 -7.64
CA THR A 38 15.98 -18.89 -8.75
C THR A 38 16.31 -20.36 -8.43
N ALA A 39 16.19 -20.76 -7.16
CA ALA A 39 16.53 -22.12 -6.66
C ALA A 39 17.97 -22.38 -7.12
N GLY A 40 18.69 -21.27 -7.34
CA GLY A 40 20.06 -21.31 -7.79
C GLY A 40 21.07 -20.94 -6.72
N SER A 41 22.33 -20.90 -7.12
CA SER A 41 23.38 -20.56 -6.17
C SER A 41 23.18 -19.16 -5.63
N HIS A 42 23.45 -18.96 -4.34
CA HIS A 42 23.31 -17.64 -3.72
C HIS A 42 24.66 -16.86 -3.79
N CYS A 43 24.62 -15.55 -3.51
CA CYS A 43 25.82 -14.67 -3.58
C CYS A 43 25.63 -13.49 -2.64
N ASP A 44 26.70 -13.00 -2.01
CA ASP A 44 26.51 -11.89 -1.08
C ASP A 44 27.33 -10.63 -1.32
N THR A 45 27.93 -10.52 -2.50
CA THR A 45 28.73 -9.35 -2.84
C THR A 45 28.44 -8.88 -4.27
N PRO A 46 28.49 -7.56 -4.51
CA PRO A 46 28.23 -6.95 -5.82
C PRO A 46 28.85 -7.68 -6.99
N ALA A 47 30.01 -8.26 -6.74
CA ALA A 47 30.78 -8.94 -7.75
C ALA A 47 30.31 -10.33 -8.06
N SER A 48 30.07 -11.07 -6.98
CA SER A 48 29.60 -12.43 -7.02
C SER A 48 28.18 -12.47 -7.58
N CYS A 49 27.39 -11.46 -7.24
CA CYS A 49 26.01 -11.41 -7.71
C CYS A 49 25.84 -11.06 -9.19
N ALA A 50 26.67 -10.17 -9.72
CA ALA A 50 26.59 -9.85 -11.14
C ALA A 50 26.84 -11.16 -11.92
N GLN A 51 27.79 -11.94 -11.43
CA GLN A 51 28.11 -13.21 -12.07
C GLN A 51 26.86 -14.04 -12.08
N GLN A 52 26.24 -14.20 -10.92
CA GLN A 52 25.03 -14.99 -10.79
C GLN A 52 23.89 -14.52 -11.69
N ALA A 53 23.68 -13.22 -11.77
CA ALA A 53 22.63 -12.70 -12.63
C ALA A 53 22.95 -13.15 -14.06
N GLN A 54 24.21 -13.07 -14.43
CA GLN A 54 24.63 -13.42 -15.77
C GLN A 54 24.38 -14.90 -16.06
N ASN A 55 24.69 -15.75 -15.09
CA ASN A 55 24.46 -17.19 -15.21
C ASN A 55 22.98 -17.48 -15.43
N VAL A 56 22.10 -16.76 -14.73
CA VAL A 56 20.67 -16.98 -14.84
C VAL A 56 20.16 -16.56 -16.22
N GLN A 57 20.55 -15.37 -16.68
CA GLN A 57 20.16 -14.90 -18.01
C GLN A 57 20.65 -15.94 -19.02
N SER A 58 21.86 -16.46 -18.78
CA SER A 58 22.47 -17.41 -19.68
C SER A 58 21.66 -18.69 -19.81
N TYR A 59 21.36 -19.33 -18.69
CA TYR A 59 20.56 -20.54 -18.71
C TYR A 59 19.24 -20.33 -19.45
N HIS A 60 18.66 -19.13 -19.30
CA HIS A 60 17.38 -18.77 -19.91
C HIS A 60 17.42 -18.57 -21.40
N VAL A 61 18.41 -17.82 -21.81
CA VAL A 61 18.59 -17.52 -23.21
C VAL A 61 19.16 -18.74 -23.92
N ARG A 62 20.35 -19.15 -23.50
CA ARG A 62 21.04 -20.26 -24.15
C ARG A 62 20.41 -21.63 -24.12
N ASN A 63 19.82 -22.03 -22.98
CA ASN A 63 19.18 -23.35 -22.84
C ASN A 63 17.66 -23.43 -22.96
N LEU A 64 16.96 -22.39 -22.52
CA LEU A 64 15.51 -22.40 -22.61
C LEU A 64 15.07 -21.55 -23.82
N GLY A 65 16.04 -20.86 -24.40
CA GLY A 65 15.81 -20.05 -25.59
C GLY A 65 14.79 -18.96 -25.44
N TRP A 66 14.83 -18.27 -24.32
CA TRP A 66 13.90 -17.18 -24.13
C TRP A 66 14.62 -15.95 -24.67
N CYS A 67 13.90 -14.84 -24.80
CA CYS A 67 14.47 -13.64 -25.41
C CYS A 67 15.44 -12.89 -24.57
N ASP A 68 15.42 -13.24 -23.31
CA ASP A 68 16.20 -12.58 -22.28
C ASP A 68 16.00 -13.37 -21.00
N VAL A 69 16.67 -12.96 -19.95
CA VAL A 69 16.48 -13.49 -18.60
C VAL A 69 14.95 -13.34 -18.39
N GLY A 70 14.36 -14.33 -17.76
CA GLY A 70 12.92 -14.30 -17.60
C GLY A 70 12.29 -13.34 -16.63
N TYR A 71 13.06 -12.94 -15.65
CA TYR A 71 12.52 -12.06 -14.63
C TYR A 71 12.58 -10.60 -15.00
N ASN A 72 11.68 -9.81 -14.42
CA ASN A 72 11.71 -8.37 -14.65
C ASN A 72 12.89 -7.78 -13.86
N PHE A 73 13.18 -8.34 -12.69
CA PHE A 73 14.31 -7.93 -11.86
C PHE A 73 14.75 -9.13 -11.04
N LEU A 74 16.02 -9.13 -10.66
CA LEU A 74 16.55 -10.17 -9.79
C LEU A 74 16.99 -9.38 -8.55
N ILE A 75 17.14 -10.06 -7.42
CA ILE A 75 17.49 -9.45 -6.15
C ILE A 75 18.59 -10.27 -5.53
N GLY A 76 19.70 -9.61 -5.24
CA GLY A 76 20.80 -10.32 -4.66
C GLY A 76 20.91 -10.21 -3.17
N GLU A 77 21.59 -11.15 -2.55
CA GLU A 77 21.77 -11.09 -1.10
C GLU A 77 22.81 -9.98 -0.85
N ASP A 78 23.48 -9.53 -1.91
CA ASP A 78 24.44 -8.43 -1.80
C ASP A 78 23.65 -7.16 -1.50
N GLY A 79 22.33 -7.30 -1.38
CA GLY A 79 21.43 -6.19 -1.09
C GLY A 79 21.13 -5.26 -2.24
N LEU A 80 21.43 -5.68 -3.46
CA LEU A 80 21.22 -4.83 -4.62
C LEU A 80 20.23 -5.44 -5.59
N VAL A 81 19.53 -4.58 -6.32
CA VAL A 81 18.56 -4.99 -7.32
C VAL A 81 19.29 -5.08 -8.66
N TYR A 82 18.92 -6.04 -9.50
CA TYR A 82 19.54 -6.21 -10.81
C TYR A 82 18.45 -6.12 -11.82
N GLU A 83 18.74 -5.35 -12.85
CA GLU A 83 17.77 -5.15 -13.89
C GLU A 83 17.62 -6.35 -14.79
N GLY A 84 16.37 -6.63 -15.15
CA GLY A 84 16.07 -7.71 -16.06
C GLY A 84 15.27 -7.10 -17.21
N ARG A 85 14.16 -7.71 -17.57
CA ARG A 85 13.38 -7.13 -18.63
C ARG A 85 12.86 -5.74 -18.21
N GLY A 86 13.06 -5.35 -16.95
CA GLY A 86 12.62 -4.04 -16.48
C GLY A 86 11.12 -3.89 -16.26
N TRP A 87 10.65 -2.66 -16.12
CA TRP A 87 9.22 -2.40 -15.89
C TRP A 87 8.31 -2.50 -17.07
N ASN A 88 8.84 -2.28 -18.24
CA ASN A 88 8.00 -2.21 -19.41
C ASN A 88 7.75 -3.43 -20.26
N ILE A 89 8.59 -4.44 -20.10
CA ILE A 89 8.56 -5.65 -20.92
C ILE A 89 8.03 -6.96 -20.33
N LYS A 90 7.14 -7.65 -21.05
CA LYS A 90 6.59 -8.91 -20.55
C LYS A 90 7.66 -9.96 -20.22
N GLY A 91 7.69 -10.38 -18.95
CA GLY A 91 8.65 -11.39 -18.51
C GLY A 91 8.19 -12.82 -18.77
N ALA A 92 8.89 -13.79 -18.20
CA ALA A 92 8.58 -15.21 -18.41
C ALA A 92 9.07 -15.87 -17.13
N HIS A 93 8.18 -15.94 -16.16
CA HIS A 93 8.56 -16.40 -14.86
C HIS A 93 7.40 -17.11 -14.20
N ALA A 94 6.21 -16.88 -14.74
CA ALA A 94 5.00 -17.41 -14.14
C ALA A 94 3.97 -18.11 -15.03
N GLY A 95 4.32 -18.53 -16.23
CA GLY A 95 3.31 -19.13 -17.05
C GLY A 95 2.59 -18.08 -17.86
N PRO A 96 1.76 -18.51 -18.84
CA PRO A 96 0.97 -17.73 -19.80
C PRO A 96 -0.22 -16.91 -19.34
N THR A 97 -0.79 -17.29 -18.22
CA THR A 97 -1.90 -16.55 -17.73
C THR A 97 -1.37 -15.32 -16.98
N TRP A 98 -0.25 -15.48 -16.28
CA TRP A 98 0.32 -14.41 -15.47
C TRP A 98 1.41 -13.51 -16.02
N ASN A 99 2.31 -14.04 -16.85
CA ASN A 99 3.35 -13.21 -17.42
C ASN A 99 2.77 -11.94 -18.12
N PRO A 100 1.59 -12.03 -18.78
CA PRO A 100 1.05 -10.81 -19.44
C PRO A 100 0.56 -9.69 -18.54
N ILE A 101 0.39 -9.97 -17.26
CA ILE A 101 -0.22 -9.02 -16.33
C ILE A 101 0.51 -8.75 -15.02
N SER A 102 1.75 -9.19 -14.93
CA SER A 102 2.51 -9.06 -13.69
C SER A 102 3.95 -8.61 -13.88
N ILE A 103 4.59 -8.34 -12.75
CA ILE A 103 6.01 -7.99 -12.70
C ILE A 103 6.57 -9.15 -11.89
N GLY A 104 7.52 -9.90 -12.47
CA GLY A 104 8.14 -10.98 -11.73
C GLY A 104 9.53 -10.62 -11.23
N ILE A 105 9.70 -10.62 -9.91
CA ILE A 105 11.02 -10.36 -9.28
C ILE A 105 11.46 -11.67 -8.62
N SER A 106 12.74 -11.97 -8.76
CA SER A 106 13.27 -13.21 -8.23
C SER A 106 14.49 -13.07 -7.32
N PHE A 107 14.38 -13.51 -6.07
CA PHE A 107 15.53 -13.49 -5.17
C PHE A 107 16.48 -14.57 -5.68
N MET A 108 17.75 -14.21 -5.82
CA MET A 108 18.72 -15.14 -6.33
C MET A 108 19.24 -16.10 -5.27
N GLY A 109 18.74 -17.33 -5.29
CA GLY A 109 19.18 -18.32 -4.32
C GLY A 109 18.14 -19.38 -4.05
N ASN A 110 18.39 -20.29 -3.09
CA ASN A 110 17.37 -21.30 -2.80
C ASN A 110 16.82 -21.05 -1.40
N TYR A 111 15.70 -20.36 -1.35
CA TYR A 111 15.14 -20.05 -0.06
C TYR A 111 14.22 -21.06 0.61
N MET A 112 14.54 -22.35 0.43
CA MET A 112 13.77 -23.43 1.08
C MET A 112 14.08 -23.48 2.59
N ASN A 113 15.37 -23.61 2.95
CA ASN A 113 15.79 -23.64 4.35
C ASN A 113 16.71 -22.48 4.78
N ARG A 114 16.42 -21.30 4.16
CA ARG A 114 17.17 -20.05 4.37
C ARG A 114 16.27 -18.86 4.07
N VAL A 115 16.40 -17.79 4.89
CA VAL A 115 15.68 -16.58 4.52
C VAL A 115 16.71 -15.72 3.82
N PRO A 116 16.25 -14.78 2.97
CA PRO A 116 17.28 -13.93 2.37
C PRO A 116 17.54 -12.92 3.50
N PRO A 117 18.70 -12.29 3.51
CA PRO A 117 19.16 -11.29 4.49
C PRO A 117 18.28 -10.04 4.43
N PRO A 118 18.17 -9.29 5.55
CA PRO A 118 17.36 -8.07 5.59
C PRO A 118 17.56 -7.11 4.41
N ARG A 119 18.81 -6.77 4.09
CA ARG A 119 19.05 -5.84 2.97
C ARG A 119 18.37 -6.30 1.68
N ALA A 120 18.36 -7.61 1.42
CA ALA A 120 17.71 -8.16 0.22
C ALA A 120 16.23 -7.83 0.21
N LEU A 121 15.55 -8.06 1.34
CA LEU A 121 14.11 -7.79 1.44
C LEU A 121 13.86 -6.30 1.27
N ARG A 122 14.77 -5.48 1.79
CA ARG A 122 14.66 -4.02 1.69
C ARG A 122 14.74 -3.52 0.25
N ALA A 123 15.68 -4.08 -0.53
CA ALA A 123 15.84 -3.66 -1.92
C ALA A 123 14.56 -4.06 -2.64
N ALA A 124 14.18 -5.33 -2.47
CA ALA A 124 12.97 -5.90 -3.04
C ALA A 124 11.77 -4.99 -2.76
N GLN A 125 11.56 -4.62 -1.50
CA GLN A 125 10.41 -3.79 -1.17
C GLN A 125 10.57 -2.40 -1.73
N ASN A 126 11.81 -1.95 -1.78
CA ASN A 126 12.09 -0.61 -2.21
C ASN A 126 11.84 -0.41 -3.67
N LEU A 127 12.20 -1.44 -4.40
CA LEU A 127 12.02 -1.49 -5.82
C LEU A 127 10.52 -1.36 -6.16
N LEU A 128 9.64 -1.99 -5.37
CA LEU A 128 8.20 -1.95 -5.66
C LEU A 128 7.62 -0.56 -5.44
N ALA A 129 8.05 0.07 -4.36
CA ALA A 129 7.62 1.42 -4.06
C ALA A 129 8.07 2.26 -5.27
N CYS A 130 9.26 2.02 -5.78
CA CYS A 130 9.68 2.81 -6.90
C CYS A 130 8.76 2.52 -8.08
N GLY A 131 8.37 1.25 -8.24
CA GLY A 131 7.45 0.89 -9.30
C GLY A 131 6.22 1.78 -9.20
N VAL A 132 5.64 1.86 -8.02
CA VAL A 132 4.46 2.68 -7.81
C VAL A 132 4.75 4.12 -8.20
N ALA A 133 5.77 4.73 -7.59
CA ALA A 133 6.16 6.11 -7.90
C ALA A 133 6.26 6.38 -9.42
N LEU A 134 6.95 5.50 -10.15
CA LEU A 134 7.12 5.63 -11.61
C LEU A 134 5.79 5.49 -12.36
N GLY A 135 4.87 4.71 -11.81
CA GLY A 135 3.60 4.49 -12.47
C GLY A 135 3.61 3.11 -13.14
N ALA A 136 4.67 2.34 -12.92
CA ALA A 136 4.78 1.01 -13.52
C ALA A 136 3.80 0.06 -12.83
N LEU A 137 3.67 0.21 -11.52
CA LEU A 137 2.77 -0.59 -10.71
C LEU A 137 1.56 0.22 -10.28
N ARG A 138 0.49 -0.46 -9.89
CA ARG A 138 -0.69 0.23 -9.38
C ARG A 138 -0.40 0.62 -7.93
N SER A 139 -0.97 1.72 -7.45
CA SER A 139 -0.77 2.10 -6.05
C SER A 139 -1.34 0.91 -5.25
N ASN A 140 -2.50 0.38 -5.64
CA ASN A 140 -3.06 -0.79 -4.94
C ASN A 140 -2.62 -2.09 -5.60
N TYR A 141 -1.33 -2.22 -5.96
CA TYR A 141 -0.84 -3.46 -6.59
C TYR A 141 -0.97 -4.64 -5.61
N GLU A 142 -0.70 -5.84 -6.10
CA GLU A 142 -0.82 -7.06 -5.29
C GLU A 142 0.42 -7.92 -5.43
N VAL A 143 0.92 -8.44 -4.30
CA VAL A 143 2.10 -9.31 -4.32
C VAL A 143 1.63 -10.73 -4.20
N LYS A 144 2.21 -11.60 -5.03
CA LYS A 144 1.81 -13.00 -5.02
C LYS A 144 3.04 -13.85 -4.99
N GLY A 145 2.95 -14.99 -4.32
CA GLY A 145 4.06 -15.91 -4.34
C GLY A 145 4.00 -16.61 -5.71
N HIS A 146 5.06 -17.33 -6.07
CA HIS A 146 5.11 -18.04 -7.35
C HIS A 146 4.21 -19.27 -7.29
N ARG A 147 4.19 -19.88 -6.11
CA ARG A 147 3.39 -21.06 -5.80
C ARG A 147 1.88 -20.77 -5.76
N ASP A 148 1.51 -19.50 -5.55
CA ASP A 148 0.10 -19.08 -5.52
C ASP A 148 -0.49 -19.12 -6.93
N VAL A 149 0.35 -18.86 -7.93
CA VAL A 149 -0.11 -18.76 -9.30
C VAL A 149 0.46 -19.81 -10.25
N GLN A 150 1.25 -20.72 -9.70
CA GLN A 150 1.83 -21.82 -10.46
C GLN A 150 2.17 -22.96 -9.53
N PRO A 151 2.25 -24.20 -10.07
CA PRO A 151 2.57 -25.33 -9.20
C PRO A 151 4.07 -25.34 -8.98
N THR A 152 4.48 -24.91 -7.80
CA THR A 152 5.90 -24.88 -7.47
C THR A 152 6.18 -24.58 -6.02
N LEU A 153 7.42 -24.85 -5.65
CA LEU A 153 7.94 -24.64 -4.32
C LEU A 153 8.41 -23.19 -4.26
N SER A 154 8.76 -22.65 -5.42
CA SER A 154 9.21 -21.26 -5.55
C SER A 154 8.17 -20.43 -4.78
N PRO A 155 8.59 -19.33 -4.08
CA PRO A 155 9.94 -18.83 -3.75
C PRO A 155 10.61 -19.32 -2.49
N GLY A 156 10.41 -20.60 -2.17
CA GLY A 156 11.00 -21.18 -0.98
C GLY A 156 10.06 -21.10 0.20
N ASP A 157 10.02 -22.14 1.03
CA ASP A 157 9.15 -22.09 2.18
C ASP A 157 9.45 -20.89 3.11
N ARG A 158 10.73 -20.59 3.37
CA ARG A 158 11.08 -19.48 4.28
C ARG A 158 10.66 -18.09 3.78
N LEU A 159 11.10 -17.75 2.57
CA LEU A 159 10.77 -16.47 1.95
C LEU A 159 9.26 -16.43 1.63
N TYR A 160 8.63 -17.57 1.33
CA TYR A 160 7.19 -17.53 1.09
C TYR A 160 6.54 -17.04 2.40
N GLU A 161 6.94 -17.61 3.53
CA GLU A 161 6.40 -17.19 4.83
C GLU A 161 6.61 -15.69 5.05
N ILE A 162 7.75 -15.18 4.60
CA ILE A 162 8.06 -13.79 4.80
C ILE A 162 7.22 -12.83 3.98
N ILE A 163 7.01 -13.18 2.71
CA ILE A 163 6.24 -12.29 1.86
C ILE A 163 4.77 -12.27 2.25
N GLN A 164 4.34 -13.28 3.00
CA GLN A 164 2.95 -13.31 3.45
C GLN A 164 2.63 -12.13 4.41
N THR A 165 3.66 -11.56 5.03
CA THR A 165 3.50 -10.44 5.98
C THR A 165 3.67 -9.08 5.32
N TRP A 166 3.73 -9.04 3.99
CA TRP A 166 3.87 -7.78 3.27
C TRP A 166 2.48 -7.16 3.19
N SER A 167 2.39 -5.86 3.38
CA SER A 167 1.08 -5.21 3.36
C SER A 167 0.34 -5.27 2.03
N HIS A 168 1.09 -5.57 0.98
CA HIS A 168 0.49 -5.66 -0.33
C HIS A 168 0.20 -7.09 -0.73
N TYR A 169 0.52 -8.03 0.16
CA TYR A 169 0.27 -9.42 -0.13
C TYR A 169 -1.21 -9.81 -0.05
N ARG A 170 -1.71 -10.34 -1.15
CA ARG A 170 -3.08 -10.86 -1.24
C ARG A 170 -2.84 -12.28 -1.76
N ALA A 171 -3.47 -13.28 -1.15
CA ALA A 171 -3.26 -14.68 -1.56
C ALA A 171 -3.95 -15.05 -2.88
N GLU B 1 7.36 -0.42 11.07
CA GLU B 1 6.48 -1.63 11.12
C GLU B 1 5.76 -1.90 9.79
N ASP B 2 5.77 -0.91 8.90
CA ASP B 2 5.24 -1.07 7.54
C ASP B 2 6.53 -1.24 6.67
N PRO B 3 6.41 -1.25 5.31
CA PRO B 3 7.62 -1.40 4.47
C PRO B 3 8.79 -0.48 4.89
N PRO B 4 10.06 -0.94 4.75
CA PRO B 4 11.22 -0.09 5.12
C PRO B 4 11.33 1.23 4.36
N ALA B 5 12.45 1.90 4.54
CA ALA B 5 12.71 3.20 3.94
C ALA B 5 13.31 3.27 2.55
N CYS B 6 12.96 4.35 1.87
CA CYS B 6 13.47 4.67 0.55
C CYS B 6 14.98 4.67 0.66
N GLY B 7 15.66 4.51 -0.48
CA GLY B 7 17.12 4.52 -0.51
C GLY B 7 17.80 3.29 0.07
N SER B 8 17.00 2.34 0.59
CA SER B 8 17.48 1.10 1.20
C SER B 8 18.67 1.37 2.09
N ILE B 9 18.43 1.97 3.24
CA ILE B 9 19.53 2.29 4.12
C ILE B 9 19.80 1.19 5.14
N VAL B 10 21.06 0.80 5.29
CA VAL B 10 21.41 -0.20 6.29
C VAL B 10 21.25 0.51 7.64
N PRO B 11 20.30 0.03 8.47
CA PRO B 11 20.05 0.65 9.77
C PRO B 11 21.21 0.54 10.73
N ARG B 12 21.31 1.57 11.54
CA ARG B 12 22.35 1.64 12.56
C ARG B 12 22.66 0.30 13.15
N ARG B 13 21.63 -0.36 13.68
CA ARG B 13 21.87 -1.61 14.36
C ARG B 13 22.42 -2.75 13.52
N GLU B 14 22.07 -2.78 12.24
CA GLU B 14 22.55 -3.83 11.34
C GLU B 14 24.09 -3.76 11.15
N TRP B 15 24.71 -2.58 11.28
CA TRP B 15 26.17 -2.55 11.15
C TRP B 15 26.86 -2.47 12.53
N ARG B 16 26.13 -2.98 13.52
CA ARG B 16 26.53 -3.10 14.94
C ARG B 16 26.99 -1.79 15.55
N ALA B 17 26.32 -0.72 15.18
CA ALA B 17 26.68 0.59 15.68
C ALA B 17 26.52 0.82 17.16
N LEU B 18 27.50 1.48 17.78
CA LEU B 18 27.36 1.83 19.20
C LEU B 18 26.18 2.84 19.15
N ALA B 19 25.36 2.83 20.18
CA ALA B 19 24.19 3.70 20.26
C ALA B 19 24.55 5.19 20.26
N SER B 20 23.73 5.99 19.60
CA SER B 20 23.99 7.43 19.54
C SER B 20 23.69 8.17 20.82
N GLU B 21 24.45 9.23 21.08
CA GLU B 21 24.17 10.04 22.24
C GLU B 21 23.96 11.50 21.80
N CYS B 22 23.69 11.75 20.51
CA CYS B 22 23.51 13.15 20.09
C CYS B 22 22.10 13.62 20.23
N ARG B 23 21.99 14.89 20.56
CA ARG B 23 20.71 15.50 20.80
C ARG B 23 20.35 16.61 19.85
N GLU B 24 21.33 17.42 19.45
CA GLU B 24 21.03 18.55 18.57
C GLU B 24 20.31 18.13 17.31
N ARG B 25 19.20 18.78 17.06
CA ARG B 25 18.39 18.42 15.91
C ARG B 25 18.45 19.30 14.70
N LEU B 26 18.46 18.64 13.54
CA LEU B 26 18.48 19.36 12.27
C LEU B 26 17.09 19.84 11.90
N THR B 27 17.00 21.08 11.46
CA THR B 27 15.72 21.67 11.06
C THR B 27 15.38 21.38 9.57
N ARG B 28 15.08 20.12 9.28
CA ARG B 28 14.74 19.68 7.91
C ARG B 28 13.35 20.18 7.53
N PRO B 29 13.14 20.61 6.26
CA PRO B 29 14.01 20.66 5.06
C PRO B 29 15.28 21.50 5.16
N VAL B 30 16.43 20.84 4.95
CA VAL B 30 17.76 21.47 4.99
C VAL B 30 18.18 21.89 3.59
N ARG B 31 18.96 22.96 3.52
CA ARG B 31 19.44 23.46 2.25
C ARG B 31 20.52 22.63 1.58
N TYR B 32 21.66 22.56 2.25
CA TYR B 32 22.85 21.93 1.71
C TYR B 32 23.13 20.45 1.93
N VAL B 33 23.98 19.88 1.07
CA VAL B 33 24.45 18.49 1.18
C VAL B 33 25.99 18.59 1.01
N VAL B 34 26.75 18.02 1.94
CA VAL B 34 28.21 18.10 1.85
C VAL B 34 28.81 16.72 1.60
N VAL B 35 29.49 16.55 0.48
CA VAL B 35 30.09 15.27 0.16
C VAL B 35 31.55 15.25 0.54
N SER B 36 31.92 14.27 1.34
CA SER B 36 33.31 14.12 1.81
C SER B 36 33.78 12.68 1.65
N HIS B 37 35.03 12.42 2.03
CA HIS B 37 35.45 11.04 2.06
C HIS B 37 35.99 10.72 3.45
N THR B 38 36.00 9.46 3.83
CA THR B 38 36.47 9.16 5.18
C THR B 38 37.98 9.19 5.32
N ALA B 39 38.66 9.11 4.18
CA ALA B 39 40.11 8.96 4.05
C ALA B 39 40.53 7.67 4.78
N GLY B 40 39.59 6.76 5.04
CA GLY B 40 39.96 5.52 5.68
C GLY B 40 40.11 4.46 4.60
N SER B 41 40.01 3.21 5.00
CA SER B 41 40.08 2.13 4.04
C SER B 41 38.76 2.09 3.23
N HIS B 42 38.80 1.53 2.03
CA HIS B 42 37.56 1.36 1.27
C HIS B 42 37.24 -0.12 1.45
N CYS B 43 35.99 -0.47 1.15
CA CYS B 43 35.46 -1.81 1.35
C CYS B 43 34.49 -2.04 0.20
N ASP B 44 34.34 -3.27 -0.25
CA ASP B 44 33.42 -3.50 -1.36
C ASP B 44 32.37 -4.59 -1.20
N THR B 45 32.12 -4.99 0.04
CA THR B 45 31.08 -5.97 0.33
C THR B 45 30.30 -5.50 1.57
N PRO B 46 29.10 -6.07 1.80
CA PRO B 46 28.43 -5.55 2.99
C PRO B 46 29.17 -5.96 4.25
N ALA B 47 29.79 -7.14 4.25
CA ALA B 47 30.55 -7.59 5.43
C ALA B 47 31.74 -6.63 5.60
N SER B 48 32.49 -6.33 4.56
CA SER B 48 33.63 -5.44 4.75
C SER B 48 33.21 -3.98 5.11
N CYS B 49 32.04 -3.52 4.62
CA CYS B 49 31.53 -2.15 4.85
C CYS B 49 30.79 -1.93 6.18
N ALA B 50 30.15 -2.97 6.70
CA ALA B 50 29.54 -2.85 8.04
C ALA B 50 30.79 -2.65 8.97
N GLN B 51 31.84 -3.46 8.77
CA GLN B 51 33.06 -3.40 9.59
C GLN B 51 33.69 -2.02 9.47
N GLN B 52 33.70 -1.46 8.28
CA GLN B 52 34.30 -0.14 8.11
C GLN B 52 33.42 0.92 8.78
N ALA B 53 32.10 0.90 8.58
CA ALA B 53 31.24 1.89 9.24
C ALA B 53 31.45 1.86 10.77
N GLN B 54 31.58 0.65 11.33
CA GLN B 54 31.79 0.46 12.76
C GLN B 54 33.08 1.19 13.15
N ASN B 55 34.16 0.89 12.41
CA ASN B 55 35.47 1.49 12.64
C ASN B 55 35.47 3.03 12.52
N VAL B 56 34.70 3.59 11.59
CA VAL B 56 34.72 5.03 11.53
C VAL B 56 34.00 5.62 12.73
N GLN B 57 32.91 4.97 13.17
CA GLN B 57 32.14 5.46 14.31
C GLN B 57 32.96 5.35 15.58
N SER B 58 33.74 4.30 15.67
CA SER B 58 34.56 4.08 16.86
C SER B 58 35.71 5.04 16.97
N TYR B 59 36.24 5.49 15.85
CA TYR B 59 37.34 6.43 15.97
C TYR B 59 36.69 7.71 16.49
N HIS B 60 35.52 8.06 15.96
CA HIS B 60 34.83 9.26 16.40
C HIS B 60 34.35 9.24 17.83
N VAL B 61 33.97 8.07 18.33
CA VAL B 61 33.42 7.96 19.66
C VAL B 61 34.42 7.71 20.74
N ARG B 62 35.27 6.73 20.51
CA ARG B 62 36.29 6.38 21.46
C ARG B 62 37.41 7.41 21.48
N ASN B 63 37.88 7.81 20.31
CA ASN B 63 39.01 8.72 20.29
C ASN B 63 38.74 10.22 20.30
N LEU B 64 37.80 10.70 19.50
CA LEU B 64 37.50 12.13 19.48
C LEU B 64 36.41 12.43 20.50
N GLY B 65 35.87 11.36 21.09
CA GLY B 65 34.84 11.47 22.09
C GLY B 65 33.55 12.15 21.65
N TRP B 66 33.18 11.96 20.39
CA TRP B 66 31.94 12.57 19.87
C TRP B 66 30.72 11.76 20.27
N CYS B 67 29.55 12.38 20.20
CA CYS B 67 28.28 11.74 20.56
C CYS B 67 27.87 10.61 19.62
N ASP B 68 28.44 10.55 18.41
CA ASP B 68 28.15 9.51 17.40
C ASP B 68 29.11 9.72 16.21
N VAL B 69 29.03 8.81 15.23
CA VAL B 69 29.79 8.93 13.98
C VAL B 69 29.42 10.34 13.46
N GLY B 70 30.41 11.09 13.02
CA GLY B 70 30.12 12.43 12.59
C GLY B 70 29.24 12.64 11.39
N TYR B 71 29.19 11.67 10.49
CA TYR B 71 28.38 11.87 9.30
C TYR B 71 26.93 11.41 9.38
N ASN B 72 26.06 12.20 8.76
CA ASN B 72 24.64 11.90 8.69
C ASN B 72 24.42 10.58 7.92
N PHE B 73 25.25 10.31 6.92
CA PHE B 73 25.14 9.07 6.15
C PHE B 73 26.51 8.65 5.61
N LEU B 74 26.72 7.35 5.48
CA LEU B 74 27.97 6.80 4.94
C LEU B 74 27.59 5.94 3.74
N ILE B 75 28.46 5.95 2.74
CA ILE B 75 28.26 5.22 1.48
C ILE B 75 29.42 4.25 1.22
N GLY B 76 29.12 2.96 1.10
CA GLY B 76 30.14 1.95 0.84
C GLY B 76 30.31 1.55 -0.62
N GLU B 77 31.50 1.10 -1.01
CA GLU B 77 31.70 0.73 -2.40
C GLU B 77 30.85 -0.46 -2.81
N ASP B 78 30.30 -1.15 -1.80
CA ASP B 78 29.40 -2.27 -2.02
C ASP B 78 28.13 -1.68 -2.64
N GLY B 79 27.97 -0.36 -2.62
CA GLY B 79 26.77 0.21 -3.21
C GLY B 79 25.58 0.41 -2.29
N LEU B 80 25.81 0.47 -0.99
CA LEU B 80 24.74 0.69 -0.03
C LEU B 80 25.02 1.95 0.81
N VAL B 81 23.95 2.57 1.30
CA VAL B 81 24.07 3.74 2.17
C VAL B 81 23.98 3.15 3.61
N TYR B 82 24.79 3.71 4.53
CA TYR B 82 24.83 3.32 5.93
C TYR B 82 24.37 4.48 6.79
N GLU B 83 23.38 4.21 7.60
CA GLU B 83 22.79 5.21 8.45
C GLU B 83 23.79 5.70 9.48
N GLY B 84 24.00 7.02 9.51
CA GLY B 84 24.90 7.57 10.49
C GLY B 84 23.98 8.22 11.50
N ARG B 85 24.01 9.55 11.52
CA ARG B 85 23.16 10.29 12.42
C ARG B 85 21.78 10.47 11.78
N GLY B 86 21.65 10.12 10.49
CA GLY B 86 20.37 10.22 9.80
C GLY B 86 19.89 11.58 9.35
N TRP B 87 18.61 11.69 9.05
CA TRP B 87 18.06 12.95 8.56
C TRP B 87 17.80 14.03 9.57
N ASN B 88 17.67 13.66 10.83
CA ASN B 88 17.28 14.62 11.83
C ASN B 88 18.22 15.17 12.88
N ILE B 89 19.43 14.65 12.91
CA ILE B 89 20.42 15.05 13.90
C ILE B 89 21.53 15.90 13.31
N LYS B 90 21.92 16.97 13.98
CA LYS B 90 23.03 17.78 13.47
C LYS B 90 24.25 16.86 13.37
N GLY B 91 24.97 17.01 12.25
CA GLY B 91 26.18 16.25 11.99
C GLY B 91 27.43 16.86 12.63
N ALA B 92 28.58 16.32 12.27
CA ALA B 92 29.89 16.75 12.75
C ALA B 92 30.83 16.29 11.65
N HIS B 93 30.79 17.01 10.54
CA HIS B 93 31.59 16.62 9.39
C HIS B 93 32.08 17.78 8.58
N ALA B 94 31.58 18.97 8.91
CA ALA B 94 31.87 20.13 8.11
C ALA B 94 32.18 21.48 8.78
N GLY B 95 32.25 21.49 10.10
CA GLY B 95 32.54 22.71 10.81
C GLY B 95 31.30 23.39 11.37
N PRO B 96 31.48 24.33 12.31
CA PRO B 96 30.41 25.08 12.97
C PRO B 96 29.62 25.88 11.98
N THR B 97 30.25 26.29 10.89
CA THR B 97 29.53 27.05 9.87
C THR B 97 28.51 26.22 9.10
N TRP B 98 28.83 24.96 8.86
CA TRP B 98 28.02 24.07 8.02
C TRP B 98 27.19 22.93 8.56
N ASN B 99 27.74 22.28 9.57
CA ASN B 99 27.10 21.12 10.18
C ASN B 99 25.61 21.36 10.43
N PRO B 100 25.25 22.55 10.97
CA PRO B 100 23.85 22.90 11.26
C PRO B 100 22.97 23.16 10.03
N ILE B 101 23.59 23.44 8.89
CA ILE B 101 22.83 23.77 7.69
C ILE B 101 23.11 22.83 6.52
N SER B 102 23.40 21.58 6.87
CA SER B 102 23.79 20.59 5.87
C SER B 102 23.57 19.16 6.33
N ILE B 103 23.50 18.26 5.37
CA ILE B 103 23.43 16.84 5.65
C ILE B 103 24.83 16.48 5.14
N GLY B 104 25.55 15.63 5.87
CA GLY B 104 26.86 15.24 5.44
C GLY B 104 26.85 13.77 5.04
N ILE B 105 27.29 13.49 3.82
CA ILE B 105 27.36 12.12 3.40
C ILE B 105 28.84 11.85 3.11
N SER B 106 29.33 10.70 3.51
CA SER B 106 30.73 10.44 3.26
C SER B 106 31.00 9.09 2.63
N PHE B 107 31.75 9.14 1.54
CA PHE B 107 32.16 7.97 0.80
C PHE B 107 33.32 7.29 1.56
N MET B 108 33.15 6.02 1.87
CA MET B 108 34.14 5.25 2.60
C MET B 108 35.33 4.80 1.79
N GLY B 109 36.39 5.61 1.92
CA GLY B 109 37.63 5.37 1.24
C GLY B 109 38.32 6.66 0.90
N ASN B 110 39.50 6.53 0.29
CA ASN B 110 40.29 7.66 -0.13
C ASN B 110 40.11 7.73 -1.64
N TYR B 111 39.60 8.85 -2.12
CA TYR B 111 39.37 9.00 -3.55
C TYR B 111 40.24 10.05 -4.24
N MET B 112 41.49 10.11 -3.79
CA MET B 112 42.46 11.02 -4.36
C MET B 112 42.94 10.41 -5.69
N ASN B 113 43.24 9.12 -5.69
CA ASN B 113 43.71 8.45 -6.90
C ASN B 113 42.77 7.36 -7.39
N ARG B 114 41.61 7.23 -6.75
CA ARG B 114 40.57 6.24 -7.08
C ARG B 114 39.22 6.91 -7.27
N VAL B 115 38.26 6.18 -7.85
CA VAL B 115 36.89 6.69 -7.98
C VAL B 115 35.95 5.66 -7.30
N PRO B 116 34.75 6.07 -6.84
CA PRO B 116 33.88 5.04 -6.24
C PRO B 116 33.12 4.42 -7.42
N PRO B 117 32.85 3.10 -7.35
CA PRO B 117 32.14 2.38 -8.42
C PRO B 117 30.80 3.05 -8.65
N PRO B 118 30.26 2.97 -9.87
CA PRO B 118 28.96 3.60 -10.17
C PRO B 118 27.85 3.33 -9.13
N ARG B 119 27.80 2.11 -8.58
CA ARG B 119 26.75 1.77 -7.61
C ARG B 119 26.85 2.62 -6.35
N ALA B 120 28.06 3.04 -5.99
CA ALA B 120 28.20 3.90 -4.83
C ALA B 120 27.68 5.29 -5.33
N LEU B 121 28.07 5.77 -6.52
CA LEU B 121 27.52 7.06 -6.94
C LEU B 121 25.97 6.92 -6.93
N ARG B 122 25.45 5.82 -7.48
CA ARG B 122 23.99 5.59 -7.50
C ARG B 122 23.32 5.61 -6.13
N ALA B 123 23.85 4.85 -5.17
CA ALA B 123 23.23 4.82 -3.86
C ALA B 123 23.08 6.22 -3.29
N ALA B 124 24.12 7.02 -3.50
CA ALA B 124 24.22 8.42 -3.04
C ALA B 124 23.13 9.34 -3.56
N GLN B 125 23.04 9.37 -4.89
CA GLN B 125 22.10 10.21 -5.62
C GLN B 125 20.68 9.84 -5.25
N ASN B 126 20.47 8.54 -5.06
CA ASN B 126 19.17 8.02 -4.70
C ASN B 126 18.89 8.44 -3.24
N LEU B 127 19.88 8.28 -2.34
CA LEU B 127 19.70 8.67 -0.94
C LEU B 127 19.28 10.14 -0.93
N LEU B 128 19.87 10.97 -1.81
CA LEU B 128 19.49 12.38 -1.84
C LEU B 128 18.05 12.55 -2.31
N ALA B 129 17.64 11.82 -3.35
CA ALA B 129 16.27 11.92 -3.84
C ALA B 129 15.30 11.40 -2.76
N CYS B 130 15.67 10.31 -2.10
CA CYS B 130 14.81 9.77 -1.05
C CYS B 130 14.76 10.75 0.11
N GLY B 131 15.64 11.76 0.04
CA GLY B 131 15.67 12.77 1.07
C GLY B 131 14.43 13.63 1.00
N VAL B 132 14.27 14.33 -0.12
CA VAL B 132 13.12 15.21 -0.34
C VAL B 132 11.85 14.39 -0.18
N ALA B 133 11.82 13.22 -0.79
CA ALA B 133 10.70 12.29 -0.70
C ALA B 133 10.20 12.30 0.76
N LEU B 134 11.08 11.97 1.71
CA LEU B 134 10.76 11.98 3.16
C LEU B 134 10.46 13.43 3.59
N GLY B 135 11.12 14.40 2.95
CA GLY B 135 10.91 15.78 3.32
C GLY B 135 12.01 16.22 4.29
N ALA B 136 13.20 15.62 4.12
CA ALA B 136 14.36 15.91 4.96
C ALA B 136 15.25 16.96 4.29
N LEU B 137 15.21 17.01 2.96
CA LEU B 137 15.97 18.01 2.21
C LEU B 137 15.02 18.96 1.48
N ARG B 138 15.56 20.09 1.01
CA ARG B 138 14.73 21.01 0.24
C ARG B 138 14.85 20.57 -1.25
N SER B 139 13.76 20.77 -1.99
CA SER B 139 13.66 20.43 -3.41
C SER B 139 14.87 20.90 -4.21
N ASN B 140 15.27 22.13 -3.96
CA ASN B 140 16.39 22.74 -4.68
C ASN B 140 17.68 22.71 -3.90
N TYR B 141 17.91 21.61 -3.20
CA TYR B 141 19.07 21.42 -2.36
C TYR B 141 20.39 21.50 -3.12
N GLU B 142 21.38 22.15 -2.52
CA GLU B 142 22.68 22.32 -3.15
C GLU B 142 23.74 21.39 -2.58
N VAL B 143 24.60 20.92 -3.46
CA VAL B 143 25.67 20.02 -3.10
C VAL B 143 27.00 20.73 -3.14
N LYS B 144 27.71 20.62 -2.04
CA LYS B 144 29.02 21.21 -1.93
C LYS B 144 29.97 20.06 -1.63
N GLY B 145 31.21 20.18 -2.07
CA GLY B 145 32.21 19.19 -1.75
C GLY B 145 32.84 19.68 -0.44
N HIS B 146 33.40 18.77 0.35
CA HIS B 146 34.02 19.10 1.64
C HIS B 146 35.00 20.28 1.51
N ARG B 147 35.92 20.13 0.57
CA ARG B 147 36.94 21.14 0.24
C ARG B 147 36.39 22.44 -0.36
N ASP B 148 35.08 22.66 -0.25
CA ASP B 148 34.45 23.89 -0.73
C ASP B 148 33.90 24.65 0.46
N VAL B 149 33.95 24.04 1.62
CA VAL B 149 33.45 24.67 2.82
C VAL B 149 34.51 24.60 3.90
N GLN B 150 35.63 23.96 3.56
CA GLN B 150 36.70 23.73 4.52
C GLN B 150 38.02 23.33 3.88
N PRO B 151 39.14 23.81 4.44
CA PRO B 151 40.44 23.45 3.88
C PRO B 151 40.74 21.98 4.13
N THR B 152 40.60 21.16 3.09
CA THR B 152 40.89 19.73 3.21
C THR B 152 40.89 19.03 1.82
N LEU B 153 41.65 17.94 1.69
CA LEU B 153 41.71 17.20 0.42
C LEU B 153 40.43 16.41 0.13
N SER B 154 39.62 16.18 1.16
CA SER B 154 38.35 15.47 1.04
C SER B 154 37.49 16.23 0.00
N PRO B 155 36.71 15.50 -0.83
CA PRO B 155 36.51 14.05 -0.94
C PRO B 155 37.50 13.30 -1.84
N GLY B 156 38.64 13.91 -2.11
CA GLY B 156 39.63 13.33 -3.00
C GLY B 156 39.48 14.03 -4.37
N ASP B 157 40.55 14.03 -5.16
CA ASP B 157 40.52 14.66 -6.46
C ASP B 157 39.47 14.04 -7.38
N ARG B 158 39.60 12.73 -7.67
CA ARG B 158 38.69 12.01 -8.59
C ARG B 158 37.20 12.12 -8.25
N LEU B 159 36.85 11.94 -6.98
CA LEU B 159 35.45 12.04 -6.57
C LEU B 159 34.95 13.50 -6.61
N TYR B 160 35.83 14.44 -6.27
CA TYR B 160 35.52 15.86 -6.31
C TYR B 160 35.23 16.28 -7.77
N GLU B 161 35.88 15.63 -8.74
CA GLU B 161 35.61 16.00 -10.13
C GLU B 161 34.30 15.39 -10.63
N ILE B 162 33.82 14.33 -9.98
CA ILE B 162 32.57 13.74 -10.41
C ILE B 162 31.38 14.56 -9.91
N ILE B 163 31.37 14.83 -8.60
CA ILE B 163 30.29 15.57 -7.98
C ILE B 163 30.09 16.99 -8.51
N GLN B 164 31.00 17.43 -9.37
CA GLN B 164 30.86 18.75 -9.95
C GLN B 164 29.95 18.62 -11.19
N THR B 165 29.90 17.42 -11.76
CA THR B 165 29.06 17.14 -12.92
C THR B 165 27.60 16.97 -12.46
N TRP B 166 27.40 16.53 -11.21
CA TRP B 166 26.05 16.34 -10.64
C TRP B 166 25.24 17.59 -10.89
N SER B 167 23.94 17.41 -11.08
CA SER B 167 23.05 18.50 -11.43
C SER B 167 22.83 19.57 -10.40
N HIS B 168 22.85 19.16 -9.14
CA HIS B 168 22.63 20.07 -8.03
C HIS B 168 23.92 20.61 -7.42
N TYR B 169 25.07 20.43 -8.08
CA TYR B 169 26.32 20.93 -7.52
C TYR B 169 26.42 22.45 -7.60
N ARG B 170 27.12 23.05 -6.65
CA ARG B 170 27.28 24.51 -6.62
C ARG B 170 28.64 24.95 -6.08
N ALA B 171 28.95 26.23 -6.34
CA ALA B 171 30.18 26.91 -5.91
C ALA B 171 31.46 26.06 -5.85
N GLU C 1 -24.91 -34.41 -15.03
CA GLU C 1 -24.82 -34.01 -16.46
C GLU C 1 -26.15 -33.38 -16.93
N ASP C 2 -27.08 -33.19 -16.00
CA ASP C 2 -28.40 -32.61 -16.26
C ASP C 2 -28.22 -31.24 -16.95
N PRO C 3 -28.69 -31.13 -18.22
CA PRO C 3 -28.46 -29.94 -19.06
C PRO C 3 -29.65 -28.91 -19.17
N PRO C 4 -29.48 -27.76 -18.48
CA PRO C 4 -30.48 -26.68 -18.56
C PRO C 4 -29.85 -25.43 -19.19
N ALA C 5 -30.68 -24.45 -19.49
CA ALA C 5 -30.20 -23.16 -20.02
C ALA C 5 -30.83 -22.03 -19.19
N CYS C 6 -30.50 -22.03 -17.89
CA CYS C 6 -30.97 -21.06 -16.90
C CYS C 6 -30.39 -19.66 -17.04
N GLY C 7 -29.37 -19.57 -17.89
CA GLY C 7 -28.70 -18.31 -18.13
C GLY C 7 -29.32 -17.24 -19.01
N SER C 8 -30.33 -16.52 -18.52
CA SER C 8 -30.89 -15.40 -19.30
C SER C 8 -30.24 -14.16 -18.65
N ILE C 9 -28.95 -14.08 -18.91
CA ILE C 9 -28.06 -13.08 -18.37
C ILE C 9 -27.43 -12.29 -19.50
N VAL C 10 -27.41 -10.97 -19.34
CA VAL C 10 -26.80 -10.08 -20.32
C VAL C 10 -25.30 -10.23 -20.06
N PRO C 11 -24.55 -10.73 -21.06
CA PRO C 11 -23.09 -10.94 -20.97
C PRO C 11 -22.28 -9.65 -20.92
N ARG C 12 -21.12 -9.68 -20.25
CA ARG C 12 -20.26 -8.50 -20.13
C ARG C 12 -20.14 -7.89 -21.51
N ARG C 13 -19.74 -8.72 -22.46
CA ARG C 13 -19.62 -8.32 -23.84
C ARG C 13 -20.80 -7.38 -24.16
N GLU C 14 -22.02 -7.88 -24.00
CA GLU C 14 -23.21 -7.11 -24.32
C GLU C 14 -23.50 -5.86 -23.51
N TRP C 15 -22.96 -5.68 -22.31
CA TRP C 15 -23.25 -4.39 -21.70
C TRP C 15 -22.06 -3.45 -21.86
N ARG C 16 -21.13 -3.86 -22.72
CA ARG C 16 -19.95 -3.07 -23.05
C ARG C 16 -19.01 -2.97 -21.87
N ALA C 17 -18.97 -4.03 -21.07
CA ALA C 17 -18.10 -4.05 -19.91
C ALA C 17 -16.67 -3.89 -20.31
N LEU C 18 -15.93 -3.19 -19.45
CA LEU C 18 -14.49 -3.02 -19.61
C LEU C 18 -14.05 -4.42 -19.17
N ALA C 19 -12.84 -4.78 -19.56
CA ALA C 19 -12.25 -6.08 -19.28
C ALA C 19 -11.77 -6.29 -17.85
N SER C 20 -12.17 -7.39 -17.25
CA SER C 20 -11.80 -7.68 -15.87
C SER C 20 -10.39 -8.15 -15.67
N GLU C 21 -9.76 -7.65 -14.63
CA GLU C 21 -8.40 -8.05 -14.33
C GLU C 21 -8.35 -8.99 -13.10
N CYS C 22 -9.54 -9.45 -12.66
CA CYS C 22 -9.65 -10.34 -11.50
C CYS C 22 -9.29 -11.76 -11.83
N ARG C 23 -8.62 -12.43 -10.89
CA ARG C 23 -8.17 -13.79 -11.11
C ARG C 23 -8.44 -14.80 -9.98
N GLU C 24 -8.91 -14.32 -8.83
CA GLU C 24 -9.21 -15.19 -7.68
C GLU C 24 -10.57 -15.87 -7.80
N ARG C 25 -10.54 -17.18 -7.70
CA ARG C 25 -11.72 -17.98 -7.84
C ARG C 25 -12.45 -18.35 -6.58
N LEU C 26 -13.75 -18.55 -6.75
CA LEU C 26 -14.62 -18.99 -5.69
C LEU C 26 -14.56 -20.51 -5.85
N THR C 27 -14.82 -21.25 -4.78
CA THR C 27 -14.81 -22.71 -4.85
C THR C 27 -16.29 -23.14 -4.92
N ARG C 28 -16.70 -23.90 -5.92
CA ARG C 28 -18.09 -24.31 -5.93
C ARG C 28 -18.30 -25.70 -5.23
N PRO C 29 -19.48 -25.88 -4.59
CA PRO C 29 -20.61 -24.95 -4.53
C PRO C 29 -20.62 -23.89 -3.41
N VAL C 30 -20.89 -22.65 -3.80
CA VAL C 30 -20.93 -21.56 -2.85
C VAL C 30 -22.15 -21.65 -1.92
N ARG C 31 -21.94 -21.42 -0.63
CA ARG C 31 -23.02 -21.52 0.35
C ARG C 31 -23.79 -20.25 0.61
N TYR C 32 -23.16 -19.10 0.42
CA TYR C 32 -23.86 -17.87 0.72
C TYR C 32 -24.12 -16.93 -0.42
N VAL C 33 -25.20 -16.17 -0.32
CA VAL C 33 -25.55 -15.15 -1.31
C VAL C 33 -25.78 -13.86 -0.51
N VAL C 34 -25.12 -12.77 -0.88
CA VAL C 34 -25.27 -11.51 -0.14
C VAL C 34 -25.90 -10.48 -1.06
N VAL C 35 -27.01 -9.92 -0.61
CA VAL C 35 -27.77 -8.96 -1.39
C VAL C 35 -27.59 -7.51 -1.00
N SER C 36 -27.13 -6.73 -1.97
CA SER C 36 -26.87 -5.29 -1.80
C SER C 36 -27.58 -4.48 -2.87
N HIS C 37 -27.64 -3.16 -2.69
CA HIS C 37 -28.17 -2.38 -3.79
C HIS C 37 -26.99 -1.47 -4.11
N THR C 38 -27.03 -0.77 -5.23
CA THR C 38 -25.91 0.10 -5.58
C THR C 38 -26.03 1.45 -4.88
N ALA C 39 -27.16 1.64 -4.19
CA ALA C 39 -27.52 2.87 -3.47
C ALA C 39 -27.63 4.04 -4.45
N GLY C 40 -27.32 3.77 -5.73
CA GLY C 40 -27.28 4.76 -6.78
C GLY C 40 -28.58 4.93 -7.57
N SER C 41 -28.53 5.78 -8.62
CA SER C 41 -29.72 6.04 -9.43
C SER C 41 -30.01 4.82 -10.28
N HIS C 42 -31.26 4.68 -10.70
CA HIS C 42 -31.68 3.48 -11.38
C HIS C 42 -32.07 3.53 -12.83
N CYS C 43 -32.33 2.35 -13.38
CA CYS C 43 -32.66 2.17 -14.80
C CYS C 43 -33.78 1.15 -15.01
N ASP C 44 -34.55 1.30 -16.07
CA ASP C 44 -35.62 0.35 -16.32
C ASP C 44 -35.74 -0.11 -17.77
N THR C 45 -34.67 0.00 -18.53
CA THR C 45 -34.71 -0.44 -19.92
C THR C 45 -33.41 -1.14 -20.23
N PRO C 46 -33.46 -2.11 -21.15
CA PRO C 46 -32.18 -2.75 -21.42
C PRO C 46 -31.13 -1.69 -21.77
N ALA C 47 -31.51 -0.69 -22.54
CA ALA C 47 -30.56 0.33 -22.94
C ALA C 47 -29.98 1.10 -21.78
N SER C 48 -30.84 1.66 -20.94
CA SER C 48 -30.34 2.42 -19.82
C SER C 48 -29.69 1.49 -18.80
N CYS C 49 -30.25 0.31 -18.56
CA CYS C 49 -29.60 -0.59 -17.61
C CYS C 49 -28.17 -1.01 -18.06
N ALA C 50 -27.92 -1.17 -19.36
CA ALA C 50 -26.57 -1.56 -19.79
C ALA C 50 -25.59 -0.42 -19.44
N GLN C 51 -26.06 0.79 -19.66
CA GLN C 51 -25.34 2.03 -19.38
C GLN C 51 -25.12 2.09 -17.85
N GLN C 52 -26.14 1.81 -17.04
CA GLN C 52 -25.92 1.91 -15.60
C GLN C 52 -24.89 0.85 -15.17
N ALA C 53 -24.98 -0.37 -15.71
CA ALA C 53 -23.99 -1.40 -15.37
C ALA C 53 -22.60 -0.87 -15.75
N GLN C 54 -22.52 -0.04 -16.78
CA GLN C 54 -21.24 0.52 -17.17
C GLN C 54 -20.67 1.49 -16.13
N ASN C 55 -21.53 2.38 -15.65
CA ASN C 55 -21.11 3.37 -14.66
C ASN C 55 -20.80 2.68 -13.35
N VAL C 56 -21.64 1.74 -12.94
CA VAL C 56 -21.34 1.04 -11.70
C VAL C 56 -19.93 0.44 -11.80
N GLN C 57 -19.53 -0.11 -12.96
CA GLN C 57 -18.18 -0.70 -13.13
C GLN C 57 -17.08 0.37 -13.16
N SER C 58 -17.39 1.47 -13.85
CA SER C 58 -16.48 2.60 -14.01
C SER C 58 -16.06 3.07 -12.64
N TYR C 59 -17.05 3.27 -11.78
CA TYR C 59 -16.79 3.65 -10.40
C TYR C 59 -15.81 2.65 -9.75
N HIS C 60 -16.14 1.36 -9.73
CA HIS C 60 -15.26 0.40 -9.05
C HIS C 60 -13.89 0.27 -9.66
N VAL C 61 -13.83 0.31 -10.98
CA VAL C 61 -12.56 0.19 -11.68
C VAL C 61 -11.78 1.48 -11.83
N ARG C 62 -12.45 2.56 -12.27
CA ARG C 62 -11.76 3.82 -12.54
C ARG C 62 -11.53 4.71 -11.35
N ASN C 63 -12.56 4.97 -10.58
CA ASN C 63 -12.40 5.80 -9.42
C ASN C 63 -11.70 5.06 -8.26
N LEU C 64 -11.89 3.73 -8.15
CA LEU C 64 -11.36 2.96 -7.03
C LEU C 64 -10.24 1.98 -7.23
N GLY C 65 -9.82 1.82 -8.48
CA GLY C 65 -8.73 0.92 -8.80
C GLY C 65 -8.96 -0.57 -8.64
N TRP C 66 -10.22 -0.99 -8.77
CA TRP C 66 -10.60 -2.39 -8.64
C TRP C 66 -10.49 -3.18 -9.97
N CYS C 67 -10.17 -4.48 -9.86
CA CYS C 67 -9.97 -5.38 -11.01
C CYS C 67 -11.22 -5.59 -11.82
N ASP C 68 -12.37 -5.40 -11.19
CA ASP C 68 -13.65 -5.44 -11.89
C ASP C 68 -14.77 -4.94 -11.00
N VAL C 69 -15.90 -4.60 -11.62
CA VAL C 69 -17.08 -4.17 -10.86
C VAL C 69 -17.10 -5.19 -9.70
N GLY C 70 -17.61 -4.76 -8.56
CA GLY C 70 -17.58 -5.60 -7.38
C GLY C 70 -18.45 -6.79 -7.20
N TYR C 71 -19.55 -6.74 -7.89
CA TYR C 71 -20.54 -7.79 -7.81
C TYR C 71 -20.43 -8.92 -8.80
N ASN C 72 -20.86 -10.10 -8.37
CA ASN C 72 -20.85 -11.27 -9.23
C ASN C 72 -21.98 -11.05 -10.26
N PHE C 73 -23.07 -10.43 -9.82
CA PHE C 73 -24.17 -10.13 -10.74
C PHE C 73 -24.89 -8.84 -10.33
N LEU C 74 -25.52 -8.16 -11.30
CA LEU C 74 -26.32 -6.97 -11.02
C LEU C 74 -27.72 -7.17 -11.60
N ILE C 75 -28.69 -6.60 -10.90
CA ILE C 75 -30.11 -6.76 -11.21
C ILE C 75 -30.77 -5.49 -11.62
N GLY C 76 -31.30 -5.49 -12.85
CA GLY C 76 -31.93 -4.31 -13.35
C GLY C 76 -33.41 -4.19 -13.17
N GLU C 77 -33.88 -2.95 -13.12
CA GLU C 77 -35.30 -2.70 -12.97
C GLU C 77 -35.98 -3.11 -14.30
N ASP C 78 -35.16 -3.33 -15.35
CA ASP C 78 -35.62 -3.76 -16.68
C ASP C 78 -35.94 -5.29 -16.67
N GLY C 79 -35.60 -5.98 -15.58
CA GLY C 79 -35.90 -7.41 -15.50
C GLY C 79 -34.80 -8.35 -15.97
N LEU C 80 -33.63 -7.78 -16.22
CA LEU C 80 -32.51 -8.58 -16.68
C LEU C 80 -31.38 -8.58 -15.69
N VAL C 81 -30.64 -9.68 -15.71
CA VAL C 81 -29.49 -9.87 -14.86
C VAL C 81 -28.28 -9.52 -15.72
N TYR C 82 -27.35 -8.74 -15.16
CA TYR C 82 -26.12 -8.37 -15.86
C TYR C 82 -24.99 -9.18 -15.25
N GLU C 83 -24.11 -9.64 -16.11
CA GLU C 83 -23.01 -10.45 -15.66
C GLU C 83 -21.98 -9.59 -15.01
N GLY C 84 -21.54 -9.99 -13.82
CA GLY C 84 -20.50 -9.23 -13.15
C GLY C 84 -19.27 -10.11 -13.18
N ARG C 85 -18.69 -10.37 -12.03
CA ARG C 85 -17.53 -11.22 -12.03
C ARG C 85 -17.99 -12.65 -12.25
N GLY C 86 -19.30 -12.85 -12.38
CA GLY C 86 -19.79 -14.19 -12.63
C GLY C 86 -19.83 -15.17 -11.48
N TRP C 87 -20.08 -16.44 -11.81
CA TRP C 87 -20.21 -17.51 -10.81
C TRP C 87 -18.97 -18.01 -10.15
N ASN C 88 -17.86 -17.80 -10.84
CA ASN C 88 -16.57 -18.31 -10.46
C ASN C 88 -15.48 -17.38 -9.92
N ILE C 89 -15.62 -16.07 -10.09
CA ILE C 89 -14.58 -15.16 -9.58
C ILE C 89 -15.03 -14.49 -8.27
N LYS C 90 -14.20 -14.55 -7.24
CA LYS C 90 -14.52 -13.90 -5.96
C LYS C 90 -14.90 -12.43 -6.20
N GLY C 91 -16.08 -12.00 -5.76
CA GLY C 91 -16.43 -10.61 -5.94
C GLY C 91 -15.81 -9.77 -4.82
N ALA C 92 -16.09 -8.47 -4.82
CA ALA C 92 -15.57 -7.58 -3.77
C ALA C 92 -16.77 -6.73 -3.44
N HIS C 93 -17.63 -7.27 -2.59
CA HIS C 93 -18.89 -6.63 -2.29
C HIS C 93 -19.33 -6.59 -0.85
N ALA C 94 -18.82 -7.55 -0.08
CA ALA C 94 -19.20 -7.68 1.29
C ALA C 94 -18.07 -7.94 2.29
N GLY C 95 -16.84 -7.59 1.92
CA GLY C 95 -15.74 -7.77 2.85
C GLY C 95 -14.98 -9.06 2.84
N PRO C 96 -13.73 -9.10 3.37
CA PRO C 96 -12.84 -10.26 3.43
C PRO C 96 -13.28 -11.57 4.06
N THR C 97 -14.25 -11.52 4.94
CA THR C 97 -14.75 -12.75 5.52
C THR C 97 -15.82 -13.37 4.62
N TRP C 98 -16.68 -12.54 4.04
CA TRP C 98 -17.74 -13.08 3.21
C TRP C 98 -17.47 -13.20 1.71
N ASN C 99 -16.63 -12.32 1.17
CA ASN C 99 -16.36 -12.39 -0.27
C ASN C 99 -15.92 -13.79 -0.75
N PRO C 100 -14.92 -14.41 -0.09
CA PRO C 100 -14.48 -15.75 -0.52
C PRO C 100 -15.48 -16.91 -0.49
N ILE C 101 -16.62 -16.69 0.13
CA ILE C 101 -17.61 -17.74 0.33
C ILE C 101 -19.00 -17.37 -0.10
N SER C 102 -19.12 -16.30 -0.86
CA SER C 102 -20.44 -15.87 -1.26
C SER C 102 -20.43 -15.33 -2.66
N ILE C 103 -21.65 -15.26 -3.21
CA ILE C 103 -21.95 -14.69 -4.50
C ILE C 103 -22.71 -13.41 -4.08
N GLY C 104 -22.25 -12.27 -4.56
CA GLY C 104 -22.94 -11.03 -4.24
C GLY C 104 -23.68 -10.53 -5.47
N ILE C 105 -25.01 -10.40 -5.33
CA ILE C 105 -25.86 -9.88 -6.41
C ILE C 105 -26.28 -8.50 -5.84
N SER C 106 -26.45 -7.50 -6.71
CA SER C 106 -26.82 -6.15 -6.30
C SER C 106 -27.86 -5.54 -7.22
N PHE C 107 -28.93 -4.99 -6.64
CA PHE C 107 -30.01 -4.39 -7.40
C PHE C 107 -29.63 -2.97 -7.80
N MET C 108 -29.72 -2.67 -9.08
CA MET C 108 -29.33 -1.34 -9.52
C MET C 108 -30.31 -0.24 -9.16
N GLY C 109 -30.02 0.45 -8.08
CA GLY C 109 -30.87 1.53 -7.62
C GLY C 109 -30.78 1.75 -6.13
N ASN C 110 -31.60 2.67 -5.62
CA ASN C 110 -31.59 2.94 -4.19
C ASN C 110 -32.96 2.57 -3.64
N TYR C 111 -32.97 1.51 -2.83
CA TYR C 111 -34.19 0.98 -2.27
C TYR C 111 -34.53 1.27 -0.83
N MET C 112 -34.02 2.40 -0.36
CA MET C 112 -34.34 2.85 0.98
C MET C 112 -35.86 3.13 0.96
N ASN C 113 -36.36 3.74 -0.12
CA ASN C 113 -37.78 4.12 -0.23
C ASN C 113 -38.73 3.53 -1.29
N ARG C 114 -38.16 2.89 -2.30
CA ARG C 114 -38.94 2.21 -3.32
C ARG C 114 -38.61 0.73 -3.15
N VAL C 115 -39.46 -0.13 -3.70
CA VAL C 115 -39.15 -1.55 -3.74
C VAL C 115 -38.81 -1.73 -5.25
N PRO C 116 -37.95 -2.72 -5.57
CA PRO C 116 -37.62 -2.90 -6.99
C PRO C 116 -38.88 -3.58 -7.55
N PRO C 117 -39.21 -3.33 -8.84
CA PRO C 117 -40.39 -3.91 -9.48
C PRO C 117 -40.38 -5.42 -9.44
N PRO C 118 -41.58 -6.03 -9.50
CA PRO C 118 -41.61 -7.49 -9.45
C PRO C 118 -40.66 -8.13 -10.44
N ARG C 119 -40.53 -7.58 -11.64
CA ARG C 119 -39.64 -8.22 -12.59
C ARG C 119 -38.16 -8.22 -12.14
N ALA C 120 -37.76 -7.28 -11.28
CA ALA C 120 -36.37 -7.32 -10.81
C ALA C 120 -36.30 -8.43 -9.75
N LEU C 121 -37.33 -8.57 -8.92
CA LEU C 121 -37.35 -9.62 -7.90
C LEU C 121 -37.34 -10.99 -8.59
N ARG C 122 -38.17 -11.19 -9.63
CA ARG C 122 -38.22 -12.46 -10.36
C ARG C 122 -36.83 -12.74 -10.96
N ALA C 123 -36.24 -11.72 -11.59
CA ALA C 123 -34.93 -11.90 -12.19
C ALA C 123 -33.95 -12.42 -11.12
N ALA C 124 -33.95 -11.83 -9.94
CA ALA C 124 -33.07 -12.27 -8.86
C ALA C 124 -33.30 -13.73 -8.41
N GLN C 125 -34.56 -14.15 -8.20
CA GLN C 125 -34.82 -15.53 -7.76
C GLN C 125 -34.55 -16.57 -8.85
N ASN C 126 -34.94 -16.27 -10.07
CA ASN C 126 -34.65 -17.19 -11.16
C ASN C 126 -33.10 -17.21 -11.30
N LEU C 127 -32.42 -16.11 -10.93
CA LEU C 127 -30.96 -16.09 -11.04
C LEU C 127 -30.40 -17.12 -10.08
N LEU C 128 -30.90 -17.11 -8.84
CA LEU C 128 -30.42 -18.04 -7.83
C LEU C 128 -30.80 -19.48 -8.15
N ALA C 129 -32.05 -19.73 -8.56
CA ALA C 129 -32.47 -21.09 -8.92
C ALA C 129 -31.51 -21.62 -10.00
N CYS C 130 -31.20 -20.78 -10.96
CA CYS C 130 -30.27 -21.16 -12.00
C CYS C 130 -28.89 -21.61 -11.41
N GLY C 131 -28.30 -20.82 -10.49
CA GLY C 131 -27.02 -21.17 -9.86
C GLY C 131 -26.98 -22.55 -9.22
N VAL C 132 -28.07 -22.86 -8.52
CA VAL C 132 -28.27 -24.14 -7.84
C VAL C 132 -28.27 -25.27 -8.91
N ALA C 133 -28.95 -25.05 -10.03
CA ALA C 133 -29.03 -26.06 -11.08
C ALA C 133 -27.70 -26.30 -11.77
N LEU C 134 -26.84 -25.29 -11.75
CA LEU C 134 -25.53 -25.41 -12.37
C LEU C 134 -24.56 -26.13 -11.46
N GLY C 135 -24.85 -26.12 -10.17
CA GLY C 135 -23.97 -26.72 -9.18
C GLY C 135 -23.06 -25.62 -8.60
N ALA C 136 -23.36 -24.35 -8.89
CA ALA C 136 -22.57 -23.22 -8.40
C ALA C 136 -22.87 -22.85 -6.95
N LEU C 137 -24.12 -23.10 -6.58
CA LEU C 137 -24.62 -22.80 -5.24
C LEU C 137 -25.12 -24.06 -4.58
N ARG C 138 -24.99 -24.11 -3.26
CA ARG C 138 -25.48 -25.29 -2.56
C ARG C 138 -27.01 -25.21 -2.68
N SER C 139 -27.67 -26.36 -2.83
CA SER C 139 -29.12 -26.34 -2.94
C SER C 139 -29.68 -25.61 -1.72
N ASN C 140 -28.99 -25.72 -0.58
CA ASN C 140 -29.41 -25.06 0.67
C ASN C 140 -28.63 -23.78 0.99
N TYR C 141 -28.40 -22.93 -0.01
CA TYR C 141 -27.66 -21.71 0.23
C TYR C 141 -28.43 -20.75 1.14
N GLU C 142 -27.70 -19.89 1.83
CA GLU C 142 -28.30 -18.92 2.73
C GLU C 142 -28.10 -17.54 2.12
N VAL C 143 -29.13 -16.72 2.25
CA VAL C 143 -29.16 -15.38 1.71
C VAL C 143 -29.04 -14.35 2.82
N LYS C 144 -28.04 -13.50 2.75
CA LYS C 144 -27.88 -12.45 3.74
C LYS C 144 -28.07 -11.10 3.06
N GLY C 145 -28.58 -10.11 3.78
CA GLY C 145 -28.65 -8.77 3.23
C GLY C 145 -27.28 -8.10 3.54
N HIS C 146 -26.91 -7.09 2.74
CA HIS C 146 -25.63 -6.42 2.93
C HIS C 146 -25.46 -5.86 4.34
N ARG C 147 -26.45 -5.12 4.84
CA ARG C 147 -26.40 -4.58 6.20
C ARG C 147 -26.22 -5.68 7.29
N ASP C 148 -26.35 -6.96 6.94
CA ASP C 148 -26.19 -8.03 7.92
C ASP C 148 -24.74 -8.47 8.09
N VAL C 149 -23.86 -8.07 7.18
CA VAL C 149 -22.48 -8.53 7.29
C VAL C 149 -21.42 -7.44 7.28
N GLN C 150 -21.89 -6.22 7.06
CA GLN C 150 -21.09 -5.01 6.97
C GLN C 150 -22.00 -3.85 7.36
N PRO C 151 -21.45 -2.77 7.93
CA PRO C 151 -22.28 -1.64 8.33
C PRO C 151 -22.69 -0.78 7.16
N THR C 152 -23.97 -0.82 6.83
CA THR C 152 -24.43 -0.07 5.70
C THR C 152 -25.94 -0.12 5.64
N LEU C 153 -26.51 0.85 4.96
CA LEU C 153 -27.95 0.89 4.78
C LEU C 153 -28.35 -0.14 3.70
N SER C 154 -27.38 -0.48 2.84
CA SER C 154 -27.57 -1.44 1.77
C SER C 154 -28.06 -2.79 2.42
N PRO C 155 -29.06 -3.46 1.78
CA PRO C 155 -29.60 -3.23 0.42
C PRO C 155 -30.80 -2.26 0.30
N GLY C 156 -31.01 -1.42 1.30
CA GLY C 156 -32.15 -0.54 1.26
C GLY C 156 -33.17 -1.17 2.19
N ASP C 157 -33.89 -0.34 2.94
CA ASP C 157 -34.90 -0.76 3.90
C ASP C 157 -35.99 -1.62 3.29
N ARG C 158 -36.70 -1.05 2.32
CA ARG C 158 -37.78 -1.78 1.70
C ARG C 158 -37.37 -3.09 1.05
N LEU C 159 -36.26 -3.09 0.30
CA LEU C 159 -35.79 -4.33 -0.30
C LEU C 159 -35.22 -5.20 0.83
N TYR C 160 -34.73 -4.60 1.91
CA TYR C 160 -34.23 -5.43 3.00
C TYR C 160 -35.48 -6.13 3.60
N GLU C 161 -36.59 -5.38 3.70
CA GLU C 161 -37.86 -5.91 4.20
C GLU C 161 -38.12 -7.21 3.37
N ILE C 162 -38.21 -7.04 2.06
CA ILE C 162 -38.45 -8.15 1.16
C ILE C 162 -37.46 -9.31 1.28
N ILE C 163 -36.15 -9.08 1.29
CA ILE C 163 -35.34 -10.30 1.36
C ILE C 163 -35.46 -11.09 2.66
N GLN C 164 -35.85 -10.43 3.76
CA GLN C 164 -36.04 -11.10 5.05
C GLN C 164 -37.14 -12.19 4.97
N THR C 165 -38.08 -12.05 4.04
CA THR C 165 -39.12 -13.05 3.91
C THR C 165 -38.73 -14.23 3.03
N TRP C 166 -37.66 -14.10 2.24
CA TRP C 166 -37.29 -15.16 1.30
C TRP C 166 -37.08 -16.50 1.93
N SER C 167 -37.33 -17.55 1.17
CA SER C 167 -37.19 -18.88 1.74
C SER C 167 -35.82 -19.25 2.20
N HIS C 168 -34.81 -18.76 1.49
CA HIS C 168 -33.44 -19.12 1.75
C HIS C 168 -32.66 -18.23 2.67
N TYR C 169 -33.29 -17.12 3.01
CA TYR C 169 -32.71 -16.16 3.92
C TYR C 169 -32.43 -16.91 5.24
N ARG C 170 -31.59 -16.31 6.05
CA ARG C 170 -31.20 -16.86 7.34
C ARG C 170 -30.62 -15.72 8.13
N ALA C 171 -31.17 -15.54 9.34
CA ALA C 171 -30.80 -14.48 10.28
C ALA C 171 -29.39 -13.95 10.15
N GLU D 1 3.82 23.47 24.51
CA GLU D 1 5.29 23.31 24.61
C GLU D 1 5.74 22.15 25.54
N ASP D 2 4.81 21.22 25.82
CA ASP D 2 5.06 20.01 26.61
C ASP D 2 3.96 18.95 26.42
N PRO D 3 4.13 17.72 26.96
CA PRO D 3 3.26 16.54 26.83
C PRO D 3 1.83 16.48 26.21
N PRO D 4 0.72 16.49 27.00
CA PRO D 4 -0.61 16.34 26.42
C PRO D 4 -1.37 17.54 25.85
N ALA D 5 -0.78 18.20 24.87
CA ALA D 5 -1.36 19.42 24.36
C ALA D 5 -2.49 19.49 23.34
N CYS D 6 -3.47 18.62 23.51
CA CYS D 6 -4.60 18.54 22.57
C CYS D 6 -5.91 17.85 22.88
N GLY D 7 -6.96 18.46 22.34
CA GLY D 7 -8.31 17.91 22.34
C GLY D 7 -9.09 17.21 23.42
N SER D 8 -10.41 17.29 23.29
CA SER D 8 -11.32 16.72 24.27
C SER D 8 -12.19 15.59 23.75
N ILE D 9 -11.88 14.43 24.27
CA ILE D 9 -12.48 13.19 23.84
C ILE D 9 -13.27 12.44 24.90
N VAL D 10 -14.55 12.16 24.61
CA VAL D 10 -15.38 11.39 25.50
C VAL D 10 -14.76 9.97 25.45
N PRO D 11 -14.26 9.46 26.58
CA PRO D 11 -13.64 8.14 26.67
C PRO D 11 -14.64 7.00 26.57
N ARG D 12 -14.13 5.79 26.30
CA ARG D 12 -14.95 4.60 26.16
C ARG D 12 -15.86 4.47 27.35
N ARG D 13 -15.26 4.25 28.52
CA ARG D 13 -16.03 4.11 29.74
C ARG D 13 -17.08 5.20 29.90
N GLU D 14 -16.74 6.45 29.61
CA GLU D 14 -17.75 7.47 29.80
C GLU D 14 -18.97 7.22 28.91
N TRP D 15 -18.83 6.55 27.76
CA TRP D 15 -20.03 6.30 26.97
C TRP D 15 -20.58 4.88 27.13
N ARG D 16 -19.96 4.11 28.02
CA ARG D 16 -20.36 2.73 28.37
C ARG D 16 -19.97 1.65 27.36
N ALA D 17 -19.10 2.04 26.45
CA ALA D 17 -18.56 1.14 25.45
C ALA D 17 -18.34 -0.26 26.00
N LEU D 18 -18.66 -1.27 25.20
CA LEU D 18 -18.40 -2.64 25.62
C LEU D 18 -16.89 -2.79 25.49
N ALA D 19 -16.27 -3.57 26.35
CA ALA D 19 -14.83 -3.79 26.29
C ALA D 19 -14.50 -4.12 24.83
N SER D 20 -13.27 -3.82 24.45
CA SER D 20 -12.79 -4.06 23.11
C SER D 20 -12.10 -5.40 23.07
N GLU D 21 -12.31 -6.18 22.02
CA GLU D 21 -11.58 -7.44 21.96
C GLU D 21 -10.51 -7.36 20.84
N CYS D 22 -10.40 -6.21 20.19
CA CYS D 22 -9.41 -6.03 19.13
C CYS D 22 -8.02 -5.86 19.72
N ARG D 23 -7.00 -6.24 18.97
CA ARG D 23 -5.64 -6.13 19.45
C ARG D 23 -4.65 -5.69 18.36
N GLU D 24 -5.01 -5.88 17.08
CA GLU D 24 -4.10 -5.49 15.99
C GLU D 24 -3.97 -3.99 15.95
N ARG D 25 -2.72 -3.58 15.79
CA ARG D 25 -2.34 -2.19 15.87
C ARG D 25 -1.89 -1.50 14.62
N LEU D 26 -2.10 -0.19 14.59
CA LEU D 26 -1.67 0.60 13.45
C LEU D 26 -0.22 0.95 13.71
N THR D 27 0.48 1.31 12.65
CA THR D 27 1.85 1.72 12.80
C THR D 27 1.86 3.25 12.84
N ARG D 28 2.23 3.86 13.96
CA ARG D 28 2.30 5.32 13.97
C ARG D 28 3.68 5.73 13.44
N PRO D 29 3.75 6.86 12.71
CA PRO D 29 2.62 7.74 12.37
C PRO D 29 1.78 7.21 11.22
N VAL D 30 0.45 7.29 11.38
CA VAL D 30 -0.51 6.87 10.36
C VAL D 30 -0.55 8.05 9.36
N ARG D 31 -0.64 7.70 8.09
CA ARG D 31 -0.63 8.64 6.96
C ARG D 31 -1.98 9.04 6.47
N TYR D 32 -2.97 8.18 6.70
CA TYR D 32 -4.29 8.38 6.18
C TYR D 32 -5.45 8.50 7.14
N VAL D 33 -6.43 9.29 6.74
CA VAL D 33 -7.63 9.45 7.54
C VAL D 33 -8.79 9.28 6.56
N VAL D 34 -9.76 8.42 6.91
CA VAL D 34 -10.94 8.23 6.06
C VAL D 34 -12.19 8.71 6.81
N VAL D 35 -12.88 9.66 6.21
CA VAL D 35 -14.07 10.23 6.80
C VAL D 35 -15.32 9.57 6.32
N SER D 36 -16.09 9.04 7.26
CA SER D 36 -17.36 8.39 6.92
C SER D 36 -18.48 9.05 7.71
N HIS D 37 -19.68 8.53 7.53
CA HIS D 37 -20.77 8.94 8.39
C HIS D 37 -21.46 7.61 8.75
N THR D 38 -22.21 7.59 9.86
CA THR D 38 -22.91 6.38 10.27
C THR D 38 -24.15 6.11 9.43
N ALA D 39 -24.59 7.09 8.64
CA ALA D 39 -25.72 6.93 7.74
C ALA D 39 -27.05 6.60 8.43
N GLY D 40 -26.99 6.47 9.75
CA GLY D 40 -28.18 6.24 10.56
C GLY D 40 -28.58 7.64 11.10
N SER D 41 -29.16 7.72 12.29
CA SER D 41 -29.61 8.99 12.87
C SER D 41 -28.51 9.83 13.48
N HIS D 42 -28.88 11.02 13.97
CA HIS D 42 -27.91 11.89 14.61
C HIS D 42 -28.21 12.08 16.10
N CYS D 43 -27.70 13.17 16.67
CA CYS D 43 -27.80 13.41 18.11
C CYS D 43 -27.17 14.79 18.31
N ASP D 44 -27.59 15.50 19.33
CA ASP D 44 -27.00 16.80 19.58
C ASP D 44 -26.87 17.16 21.07
N THR D 45 -26.61 16.13 21.87
CA THR D 45 -26.43 16.26 23.33
C THR D 45 -25.53 15.20 23.88
N PRO D 46 -24.77 15.55 24.92
CA PRO D 46 -23.91 14.53 25.49
C PRO D 46 -24.64 13.18 25.59
N ALA D 47 -25.78 13.13 26.30
CA ALA D 47 -26.50 11.85 26.51
C ALA D 47 -27.07 11.16 25.26
N SER D 48 -27.60 11.90 24.30
CA SER D 48 -28.05 11.23 23.07
C SER D 48 -26.81 10.72 22.30
N CYS D 49 -25.80 11.55 22.06
CA CYS D 49 -24.62 11.05 21.33
C CYS D 49 -23.94 9.91 22.09
N ALA D 50 -23.98 9.93 23.41
CA ALA D 50 -23.34 8.86 24.17
C ALA D 50 -24.19 7.60 24.04
N GLN D 51 -25.51 7.80 23.97
CA GLN D 51 -26.43 6.70 23.75
C GLN D 51 -26.12 6.14 22.31
N GLN D 52 -26.05 7.01 21.30
CA GLN D 52 -25.78 6.55 19.93
C GLN D 52 -24.45 5.85 19.67
N ALA D 53 -23.38 6.35 20.26
CA ALA D 53 -22.09 5.71 20.07
C ALA D 53 -22.24 4.26 20.55
N GLN D 54 -23.04 4.07 21.58
CA GLN D 54 -23.28 2.76 22.16
C GLN D 54 -24.06 1.85 21.16
N ASN D 55 -25.03 2.41 20.44
CA ASN D 55 -25.82 1.66 19.46
C ASN D 55 -24.87 1.22 18.35
N VAL D 56 -24.27 2.20 17.69
CA VAL D 56 -23.32 1.94 16.63
C VAL D 56 -22.33 0.89 17.10
N GLN D 57 -21.96 0.91 18.37
CA GLN D 57 -21.06 -0.14 18.81
C GLN D 57 -21.85 -1.48 18.84
N SER D 58 -23.05 -1.48 19.41
CA SER D 58 -23.88 -2.70 19.49
C SER D 58 -24.05 -3.37 18.11
N TYR D 59 -24.43 -2.56 17.12
CA TYR D 59 -24.60 -3.01 15.74
C TYR D 59 -23.32 -3.71 15.26
N HIS D 60 -22.16 -3.11 15.47
CA HIS D 60 -20.90 -3.73 15.01
C HIS D 60 -20.42 -4.94 15.80
N VAL D 61 -20.79 -5.02 17.07
CA VAL D 61 -20.35 -6.11 17.93
C VAL D 61 -21.28 -7.32 17.95
N ARG D 62 -22.58 -7.09 18.13
CA ARG D 62 -23.55 -8.18 18.15
C ARG D 62 -24.05 -8.60 16.76
N ASN D 63 -24.61 -7.68 15.99
CA ASN D 63 -25.13 -8.00 14.65
C ASN D 63 -24.06 -8.39 13.64
N LEU D 64 -22.88 -7.78 13.75
CA LEU D 64 -21.79 -8.06 12.81
C LEU D 64 -20.73 -8.96 13.39
N GLY D 65 -20.80 -9.21 14.70
CA GLY D 65 -19.85 -10.08 15.37
C GLY D 65 -18.43 -9.60 15.18
N TRP D 66 -18.21 -8.37 15.59
CA TRP D 66 -16.91 -7.70 15.49
C TRP D 66 -16.31 -7.51 16.86
N CYS D 67 -14.99 -7.37 16.92
CA CYS D 67 -14.32 -7.20 18.22
C CYS D 67 -14.54 -5.83 18.90
N ASP D 68 -15.02 -4.82 18.18
CA ASP D 68 -15.22 -3.48 18.75
C ASP D 68 -15.86 -2.60 17.67
N VAL D 69 -16.39 -1.43 18.04
CA VAL D 69 -16.98 -0.56 17.03
C VAL D 69 -15.94 -0.35 15.93
N GLY D 70 -16.44 -0.21 14.73
CA GLY D 70 -15.52 -0.09 13.63
C GLY D 70 -14.66 1.13 13.53
N TYR D 71 -15.14 2.25 14.05
CA TYR D 71 -14.39 3.49 13.92
C TYR D 71 -13.36 3.79 14.97
N ASN D 72 -12.34 4.53 14.55
CA ASN D 72 -11.28 4.86 15.48
C ASN D 72 -11.82 5.93 16.39
N PHE D 73 -12.62 6.83 15.81
CA PHE D 73 -13.29 7.87 16.57
C PHE D 73 -14.63 8.16 15.90
N LEU D 74 -15.63 8.57 16.69
CA LEU D 74 -16.94 8.95 16.17
C LEU D 74 -17.07 10.43 16.63
N ILE D 75 -17.71 11.28 15.82
CA ILE D 75 -17.93 12.73 16.03
C ILE D 75 -19.42 13.03 16.25
N GLY D 76 -19.78 13.61 17.39
CA GLY D 76 -21.17 13.90 17.64
C GLY D 76 -21.53 15.30 17.23
N GLU D 77 -22.83 15.55 17.02
CA GLU D 77 -23.26 16.90 16.67
C GLU D 77 -23.38 17.72 17.98
N ASP D 78 -23.15 17.03 19.11
CA ASP D 78 -23.06 17.72 20.42
C ASP D 78 -21.63 18.39 20.42
N GLY D 79 -20.84 18.26 19.35
CA GLY D 79 -19.52 18.88 19.28
C GLY D 79 -18.40 18.20 20.04
N LEU D 80 -18.67 16.95 20.41
CA LEU D 80 -17.72 16.13 21.12
C LEU D 80 -17.26 14.98 20.23
N VAL D 81 -16.18 14.33 20.62
CA VAL D 81 -15.54 13.24 19.89
C VAL D 81 -15.67 12.05 20.80
N TYR D 82 -16.01 10.91 20.23
CA TYR D 82 -16.19 9.71 21.01
C TYR D 82 -15.07 8.75 20.69
N GLU D 83 -14.33 8.38 21.70
CA GLU D 83 -13.23 7.46 21.49
C GLU D 83 -13.80 6.15 20.95
N GLY D 84 -13.31 5.72 19.78
CA GLY D 84 -13.71 4.44 19.21
C GLY D 84 -12.50 3.52 19.49
N ARG D 85 -11.92 2.86 18.49
CA ARG D 85 -10.74 2.02 18.75
C ARG D 85 -9.55 2.94 18.96
N GLY D 86 -9.71 4.21 18.62
CA GLY D 86 -8.64 5.16 18.87
C GLY D 86 -7.49 5.22 17.91
N TRP D 87 -6.40 5.82 18.36
CA TRP D 87 -5.20 6.04 17.58
C TRP D 87 -4.29 4.91 17.15
N ASN D 88 -4.27 3.87 17.97
CA ASN D 88 -3.35 2.76 17.86
C ASN D 88 -3.86 1.39 17.47
N ILE D 89 -5.16 1.27 17.27
CA ILE D 89 -5.77 -0.02 16.95
C ILE D 89 -6.43 0.00 15.57
N LYS D 90 -6.11 -1.00 14.76
CA LYS D 90 -6.67 -1.08 13.43
C LYS D 90 -8.16 -1.19 13.47
N GLY D 91 -8.81 -0.25 12.78
CA GLY D 91 -10.25 -0.23 12.73
C GLY D 91 -10.77 -1.10 11.61
N ALA D 92 -12.10 -1.03 11.44
CA ALA D 92 -12.82 -1.74 10.39
C ALA D 92 -13.84 -0.74 9.87
N HIS D 93 -13.45 0.07 8.90
CA HIS D 93 -14.33 1.10 8.38
C HIS D 93 -14.12 1.40 6.90
N ALA D 94 -13.07 0.79 6.33
CA ALA D 94 -12.70 1.08 4.96
C ALA D 94 -12.14 -0.06 4.07
N GLY D 95 -12.22 -1.30 4.53
CA GLY D 95 -11.74 -2.39 3.73
C GLY D 95 -10.37 -2.85 4.13
N PRO D 96 -9.95 -4.04 3.66
CA PRO D 96 -8.64 -4.60 4.03
C PRO D 96 -7.40 -3.84 3.56
N THR D 97 -7.61 -2.88 2.68
CA THR D 97 -6.52 -2.12 2.12
C THR D 97 -6.22 -0.83 2.85
N TRP D 98 -7.29 -0.16 3.28
CA TRP D 98 -7.14 1.09 4.00
C TRP D 98 -7.18 0.98 5.51
N ASN D 99 -7.90 -0.01 6.02
CA ASN D 99 -7.97 -0.16 7.47
C ASN D 99 -6.61 -0.21 8.17
N PRO D 100 -5.63 -0.91 7.57
CA PRO D 100 -4.31 -1.02 8.24
C PRO D 100 -3.40 0.17 8.21
N ILE D 101 -3.77 1.11 7.38
CA ILE D 101 -2.95 2.25 7.17
C ILE D 101 -3.68 3.54 7.29
N SER D 102 -4.80 3.50 7.99
CA SER D 102 -5.56 4.72 8.19
C SER D 102 -6.30 4.74 9.53
N ILE D 103 -6.81 5.93 9.81
CA ILE D 103 -7.60 6.25 11.00
C ILE D 103 -9.01 6.59 10.42
N GLY D 104 -10.02 5.84 10.84
CA GLY D 104 -11.37 6.07 10.39
C GLY D 104 -12.20 6.91 11.37
N ILE D 105 -12.65 8.07 10.89
CA ILE D 105 -13.51 8.89 11.75
C ILE D 105 -14.93 8.96 11.14
N SER D 106 -15.91 8.62 11.96
CA SER D 106 -17.32 8.63 11.57
C SER D 106 -18.14 9.76 12.25
N PHE D 107 -18.80 10.61 11.46
CA PHE D 107 -19.68 11.64 12.01
C PHE D 107 -21.00 10.93 12.18
N MET D 108 -21.59 10.98 13.37
CA MET D 108 -22.84 10.30 13.62
C MET D 108 -24.06 11.00 13.05
N GLY D 109 -24.66 10.39 12.03
CA GLY D 109 -25.83 10.96 11.36
C GLY D 109 -25.81 10.64 9.86
N ASN D 110 -26.54 11.43 9.06
CA ASN D 110 -26.59 11.21 7.61
C ASN D 110 -26.49 12.54 6.91
N TYR D 111 -25.43 12.71 6.12
CA TYR D 111 -25.22 13.99 5.49
C TYR D 111 -25.35 14.08 3.98
N MET D 112 -26.26 13.26 3.48
CA MET D 112 -26.58 13.26 2.07
C MET D 112 -27.14 14.66 1.73
N ASN D 113 -28.07 15.16 2.55
CA ASN D 113 -28.80 16.41 2.29
C ASN D 113 -28.80 17.29 3.54
N ARG D 114 -27.67 17.29 4.23
CA ARG D 114 -27.55 17.92 5.53
C ARG D 114 -26.08 18.05 5.93
N VAL D 115 -25.68 19.15 6.53
CA VAL D 115 -24.29 19.29 6.96
C VAL D 115 -24.16 19.06 8.46
N PRO D 116 -22.95 18.72 8.96
CA PRO D 116 -22.84 18.56 10.42
C PRO D 116 -22.74 20.04 10.87
N PRO D 117 -23.12 20.37 12.11
CA PRO D 117 -23.05 21.76 12.62
C PRO D 117 -21.61 22.23 12.82
N PRO D 118 -21.38 23.56 12.71
CA PRO D 118 -20.02 24.08 12.87
C PRO D 118 -19.12 23.40 13.85
N ARG D 119 -19.64 23.14 15.05
CA ARG D 119 -18.85 22.51 16.10
C ARG D 119 -18.53 21.04 15.92
N ALA D 120 -19.20 20.34 15.02
CA ALA D 120 -18.86 18.94 14.88
C ALA D 120 -17.64 18.88 13.98
N LEU D 121 -17.56 19.86 13.08
CA LEU D 121 -16.46 20.02 12.14
C LEU D 121 -15.22 20.54 12.87
N ARG D 122 -15.40 21.32 13.93
CA ARG D 122 -14.26 21.81 14.69
C ARG D 122 -13.76 20.63 15.48
N ALA D 123 -14.69 19.90 16.09
CA ALA D 123 -14.29 18.76 16.88
C ALA D 123 -13.40 17.85 16.06
N ALA D 124 -13.82 17.58 14.82
CA ALA D 124 -13.06 16.69 13.96
C ALA D 124 -11.75 17.29 13.44
N GLN D 125 -11.72 18.58 13.12
CA GLN D 125 -10.44 19.14 12.67
C GLN D 125 -9.48 19.20 13.88
N ASN D 126 -10.00 19.63 15.02
CA ASN D 126 -9.24 19.69 16.25
C ASN D 126 -8.67 18.27 16.61
N LEU D 127 -9.43 17.21 16.36
CA LEU D 127 -9.01 15.82 16.67
C LEU D 127 -7.80 15.45 15.81
N LEU D 128 -7.81 15.95 14.58
CA LEU D 128 -6.76 15.68 13.62
C LEU D 128 -5.48 16.37 14.05
N ALA D 129 -5.54 17.68 14.27
CA ALA D 129 -4.39 18.46 14.77
C ALA D 129 -3.82 17.70 15.97
N CYS D 130 -4.72 17.18 16.80
CA CYS D 130 -4.29 16.46 17.97
C CYS D 130 -3.59 15.17 17.57
N GLY D 131 -4.04 14.53 16.48
CA GLY D 131 -3.40 13.31 16.03
C GLY D 131 -1.97 13.59 15.54
N VAL D 132 -1.80 14.76 14.92
CA VAL D 132 -0.47 15.15 14.42
C VAL D 132 0.35 15.48 15.66
N ALA D 133 -0.06 16.48 16.43
CA ALA D 133 0.63 16.88 17.66
C ALA D 133 1.21 15.69 18.43
N LEU D 134 0.49 14.57 18.43
CA LEU D 134 0.87 13.35 19.15
C LEU D 134 1.78 12.35 18.44
N GLY D 135 1.95 12.56 17.14
CA GLY D 135 2.75 11.61 16.38
C GLY D 135 1.96 10.34 16.08
N ALA D 136 0.64 10.45 15.98
CA ALA D 136 -0.20 9.28 15.67
C ALA D 136 -0.55 9.41 14.18
N LEU D 137 -0.58 10.64 13.68
CA LEU D 137 -0.86 10.97 12.27
C LEU D 137 0.35 11.67 11.65
N ARG D 138 0.69 11.38 10.39
CA ARG D 138 1.84 12.04 9.77
C ARG D 138 1.56 13.53 9.69
N SER D 139 2.59 14.36 9.81
CA SER D 139 2.37 15.80 9.73
C SER D 139 1.65 16.05 8.42
N ASN D 140 2.06 15.33 7.38
CA ASN D 140 1.43 15.47 6.08
C ASN D 140 0.44 14.32 5.75
N TYR D 141 -0.38 13.92 6.74
CA TYR D 141 -1.38 12.85 6.54
C TYR D 141 -2.39 13.28 5.46
N GLU D 142 -3.17 12.35 4.93
CA GLU D 142 -4.15 12.70 3.89
C GLU D 142 -5.59 12.34 4.29
N VAL D 143 -6.54 13.17 3.85
CA VAL D 143 -7.93 12.90 4.18
C VAL D 143 -8.62 12.35 2.97
N LYS D 144 -9.37 11.28 3.17
CA LYS D 144 -10.09 10.69 2.08
C LYS D 144 -11.53 10.55 2.49
N GLY D 145 -12.42 10.73 1.53
CA GLY D 145 -13.82 10.55 1.80
C GLY D 145 -13.96 9.03 1.66
N HIS D 146 -14.88 8.43 2.43
CA HIS D 146 -15.10 6.99 2.38
C HIS D 146 -15.40 6.57 0.94
N ARG D 147 -16.31 7.29 0.28
CA ARG D 147 -16.69 6.95 -1.10
C ARG D 147 -15.49 6.95 -2.07
N ASP D 148 -14.33 7.43 -1.60
CA ASP D 148 -13.10 7.51 -2.42
C ASP D 148 -12.27 6.21 -2.35
N VAL D 149 -12.63 5.35 -1.39
CA VAL D 149 -11.93 4.08 -1.22
C VAL D 149 -12.86 2.87 -1.13
N GLN D 150 -14.14 3.07 -0.87
CA GLN D 150 -15.07 1.94 -0.82
C GLN D 150 -16.28 2.38 -1.61
N PRO D 151 -17.08 1.42 -2.13
CA PRO D 151 -18.27 1.82 -2.88
C PRO D 151 -19.31 2.10 -1.81
N THR D 152 -19.71 3.37 -1.72
CA THR D 152 -20.69 3.82 -0.72
C THR D 152 -20.98 5.27 -1.02
N LEU D 153 -22.03 5.81 -0.40
CA LEU D 153 -22.38 7.23 -0.55
C LEU D 153 -21.75 7.92 0.66
N SER D 154 -21.28 7.13 1.63
CA SER D 154 -20.67 7.67 2.83
C SER D 154 -19.49 8.51 2.33
N PRO D 155 -19.28 9.70 2.93
CA PRO D 155 -19.96 10.32 4.08
C PRO D 155 -21.14 11.26 3.78
N GLY D 156 -21.90 10.97 2.73
CA GLY D 156 -23.03 11.82 2.40
C GLY D 156 -22.59 12.97 1.53
N ASP D 157 -23.38 13.27 0.50
CA ASP D 157 -23.09 14.34 -0.44
C ASP D 157 -22.58 15.63 0.15
N ARG D 158 -23.27 16.10 1.19
CA ARG D 158 -22.93 17.38 1.76
C ARG D 158 -21.64 17.40 2.57
N LEU D 159 -21.47 16.47 3.50
CA LEU D 159 -20.21 16.41 4.25
C LEU D 159 -19.05 16.09 3.26
N TYR D 160 -19.27 15.19 2.29
CA TYR D 160 -18.24 14.85 1.30
C TYR D 160 -17.80 16.18 0.65
N GLU D 161 -18.75 17.01 0.27
CA GLU D 161 -18.46 18.32 -0.33
C GLU D 161 -17.57 19.17 0.61
N ILE D 162 -17.78 19.04 1.93
CA ILE D 162 -16.98 19.84 2.86
C ILE D 162 -15.57 19.34 3.06
N ILE D 163 -15.38 18.04 3.31
CA ILE D 163 -14.01 17.55 3.55
C ILE D 163 -13.04 17.81 2.40
N GLN D 164 -13.57 17.97 1.18
CA GLN D 164 -12.76 18.23 0.00
C GLN D 164 -12.12 19.61 -0.05
N THR D 165 -12.61 20.50 0.80
CA THR D 165 -12.05 21.83 0.88
C THR D 165 -10.91 21.82 1.90
N TRP D 166 -10.78 20.71 2.62
CA TRP D 166 -9.73 20.58 3.63
C TRP D 166 -8.29 20.52 3.14
N SER D 167 -7.48 21.31 3.83
CA SER D 167 -6.04 21.38 3.65
C SER D 167 -5.44 19.96 3.47
N HIS D 168 -6.01 18.94 4.13
CA HIS D 168 -5.45 17.60 3.99
C HIS D 168 -6.17 16.64 3.05
N TYR D 169 -7.14 17.14 2.31
CA TYR D 169 -7.78 16.25 1.37
C TYR D 169 -6.92 15.99 0.11
N ARG D 170 -6.72 14.70 -0.23
CA ARG D 170 -6.03 14.25 -1.46
C ARG D 170 -7.02 13.25 -2.08
N ALA D 171 -7.59 13.72 -3.24
CA ALA D 171 -8.76 13.13 -3.93
C ALA D 171 -8.84 11.59 -4.07
#